data_1SLO
# 
_entry.id   1SLO 
# 
_audit_conform.dict_name       mmcif_pdbx.dic 
_audit_conform.dict_version    5.392 
_audit_conform.dict_location   http://mmcif.pdb.org/dictionaries/ascii/mmcif_pdbx.dic 
# 
loop_
_database_2.database_id 
_database_2.database_code 
_database_2.pdbx_database_accession 
_database_2.pdbx_DOI 
PDB   1SLO         pdb_00001slo 10.2210/pdb1slo/pdb 
WWPDB D_1000176417 ?            ?                   
# 
loop_
_pdbx_audit_revision_history.ordinal 
_pdbx_audit_revision_history.data_content_type 
_pdbx_audit_revision_history.major_revision 
_pdbx_audit_revision_history.minor_revision 
_pdbx_audit_revision_history.revision_date 
1 'Structure model' 1 0 1996-12-07 
2 'Structure model' 1 1 2008-03-05 
3 'Structure model' 1 2 2011-07-13 
4 'Structure model' 1 3 2022-03-02 
5 'Structure model' 1 4 2024-05-22 
# 
_pdbx_audit_revision_details.ordinal             1 
_pdbx_audit_revision_details.revision_ordinal    1 
_pdbx_audit_revision_details.data_content_type   'Structure model' 
_pdbx_audit_revision_details.provider            repository 
_pdbx_audit_revision_details.type                'Initial release' 
_pdbx_audit_revision_details.description         ? 
_pdbx_audit_revision_details.details             ? 
# 
loop_
_pdbx_audit_revision_group.ordinal 
_pdbx_audit_revision_group.revision_ordinal 
_pdbx_audit_revision_group.data_content_type 
_pdbx_audit_revision_group.group 
1 2 'Structure model' 'Version format compliance' 
2 3 'Structure model' 'Version format compliance' 
3 4 'Structure model' 'Database references'       
4 4 'Structure model' 'Derived calculations'      
5 4 'Structure model' Other                       
6 5 'Structure model' 'Data collection'           
# 
loop_
_pdbx_audit_revision_category.ordinal 
_pdbx_audit_revision_category.revision_ordinal 
_pdbx_audit_revision_category.data_content_type 
_pdbx_audit_revision_category.category 
1 4 'Structure model' database_2            
2 4 'Structure model' pdbx_database_status  
3 4 'Structure model' pdbx_struct_assembly  
4 4 'Structure model' pdbx_struct_oper_list 
5 5 'Structure model' chem_comp_atom        
6 5 'Structure model' chem_comp_bond        
# 
loop_
_pdbx_audit_revision_item.ordinal 
_pdbx_audit_revision_item.revision_ordinal 
_pdbx_audit_revision_item.data_content_type 
_pdbx_audit_revision_item.item 
1 4 'Structure model' '_database_2.pdbx_DOI'                
2 4 'Structure model' '_database_2.pdbx_database_accession' 
3 4 'Structure model' '_pdbx_database_status.process_site'  
# 
_pdbx_database_status.status_code                     REL 
_pdbx_database_status.entry_id                        1SLO 
_pdbx_database_status.recvd_initial_deposition_date   1996-05-24 
_pdbx_database_status.deposit_site                    ? 
_pdbx_database_status.process_site                    BNL 
_pdbx_database_status.status_code_sf                  ? 
_pdbx_database_status.status_code_mr                  REL 
_pdbx_database_status.SG_entry                        ? 
_pdbx_database_status.pdb_format_compatible           Y 
_pdbx_database_status.status_code_cs                  ? 
_pdbx_database_status.status_code_nmr_data            ? 
_pdbx_database_status.methods_development_category    ? 
# 
_pdbx_database_related.db_name        PDB 
_pdbx_database_related.db_id          1SLP 
_pdbx_database_related.details        'ENSEMBLE OF 16 STRUCTURES' 
_pdbx_database_related.content_type   ensemble 
# 
loop_
_audit_author.name 
_audit_author.pdbx_ordinal 
'Greenbaum, N.L.'   1 
'Radhakrishnan, I.' 2 
'Patel, D.J.'       3 
'Hirsh, D.'         4 
# 
loop_
_citation.id 
_citation.title 
_citation.journal_abbrev 
_citation.journal_volume 
_citation.page_first 
_citation.page_last 
_citation.year 
_citation.journal_id_ASTM 
_citation.country 
_citation.journal_id_ISSN 
_citation.journal_id_CSD 
_citation.book_publisher 
_citation.pdbx_database_id_PubMed 
_citation.pdbx_database_id_DOI 
primary 'Solution structure of the donor site of a trans-splicing RNA.'                                                          
Structure   4   725 733 1996 STRUE6 UK 0969-2126 2005 ? 8805553 '10.1016/S0969-2126(96)00078-0' 
1       'Determination of the Folding Topology of the Sl1 RNA from Caenorhabditis Elegans by Multidimensional Heteronuclear NMR' 
J.Mol.Biol. 252 314 ?   1995 JMOBAK UK 0022-2836 0070 ? ?       ?                               
# 
loop_
_citation_author.citation_id 
_citation_author.name 
_citation_author.ordinal 
_citation_author.identifier_ORCID 
primary 'Greenbaum, N.L.'   1 ? 
primary 'Radhakrishnan, I.' 2 ? 
primary 'Patel, D.J.'       3 ? 
primary 'Hirsh, D.'         4 ? 
1       'Greenbaum, N.L.'   5 ? 
1       'Radhakrishnan, I.' 6 ? 
1       'Hirsh, D.'         7 ? 
1       'Patel, D.J.'       8 ? 
# 
_entity.id                         1 
_entity.type                       polymer 
_entity.src_method                 man 
_entity.pdbx_description           
;RNA (5'-R(*UP*UP*AP*CP*CP*CP*AP*AP*GP*UP*UP*UP*GP*AP*GP*GP*UP*AP*A)-3')
;
_entity.formula_weight             6063.642 
_entity.pdbx_number_of_molecules   1 
_entity.pdbx_ec                    ? 
_entity.pdbx_mutation              ? 
_entity.pdbx_fragment              
'19 RESIDUE MODIFIED FRAGMENT FROM THE FIRST STEM LOOP OF THE SL1 RNA FROM CAENORHABDITIS ELEGANS' 
_entity.details                    ? 
# 
_entity_name_com.entity_id   1 
_entity_name_com.name        'SL1 RNA' 
# 
_entity_poly.entity_id                      1 
_entity_poly.type                           polyribonucleotide 
_entity_poly.nstd_linkage                   no 
_entity_poly.nstd_monomer                   no 
_entity_poly.pdbx_seq_one_letter_code       UUACCCAAGUUUGAGGUAA 
_entity_poly.pdbx_seq_one_letter_code_can   UUACCCAAGUUUGAGGUAA 
_entity_poly.pdbx_strand_id                 A 
_entity_poly.pdbx_target_identifier         ? 
# 
loop_
_entity_poly_seq.entity_id 
_entity_poly_seq.num 
_entity_poly_seq.mon_id 
_entity_poly_seq.hetero 
1 1  U n 
1 2  U n 
1 3  A n 
1 4  C n 
1 5  C n 
1 6  C n 
1 7  A n 
1 8  A n 
1 9  G n 
1 10 U n 
1 11 U n 
1 12 U n 
1 13 G n 
1 14 A n 
1 15 G n 
1 16 G n 
1 17 U n 
1 18 A n 
1 19 A n 
# 
_entity_src_gen.entity_id                          1 
_entity_src_gen.pdbx_src_id                        1 
_entity_src_gen.pdbx_alt_source_flag               sample 
_entity_src_gen.pdbx_seq_type                      ? 
_entity_src_gen.pdbx_beg_seq_num                   ? 
_entity_src_gen.pdbx_end_seq_num                   ? 
_entity_src_gen.gene_src_common_name               ? 
_entity_src_gen.gene_src_genus                     Caenorhabditis 
_entity_src_gen.pdbx_gene_src_gene                 ? 
_entity_src_gen.gene_src_species                   ? 
_entity_src_gen.gene_src_strain                    ? 
_entity_src_gen.gene_src_tissue                    ? 
_entity_src_gen.gene_src_tissue_fraction           ? 
_entity_src_gen.gene_src_details                   ? 
_entity_src_gen.pdbx_gene_src_fragment             ? 
_entity_src_gen.pdbx_gene_src_scientific_name      'Caenorhabditis elegans' 
_entity_src_gen.pdbx_gene_src_ncbi_taxonomy_id     6239 
_entity_src_gen.pdbx_gene_src_variant              ? 
_entity_src_gen.pdbx_gene_src_cell_line            ? 
_entity_src_gen.pdbx_gene_src_atcc                 ? 
_entity_src_gen.pdbx_gene_src_organ                ? 
_entity_src_gen.pdbx_gene_src_organelle            ? 
_entity_src_gen.pdbx_gene_src_cell                 ? 
_entity_src_gen.pdbx_gene_src_cellular_location    ? 
_entity_src_gen.host_org_common_name               ? 
_entity_src_gen.pdbx_host_org_scientific_name      'IN VITRO T7 POLYMERASE TRANSCRIPTION' 
_entity_src_gen.pdbx_host_org_ncbi_taxonomy_id     ? 
_entity_src_gen.host_org_genus                     ? 
_entity_src_gen.pdbx_host_org_gene                 ? 
_entity_src_gen.pdbx_host_org_organ                ? 
_entity_src_gen.host_org_species                   ? 
_entity_src_gen.pdbx_host_org_tissue               ? 
_entity_src_gen.pdbx_host_org_tissue_fraction      ? 
_entity_src_gen.pdbx_host_org_strain               ? 
_entity_src_gen.pdbx_host_org_variant              ? 
_entity_src_gen.pdbx_host_org_cell_line            ? 
_entity_src_gen.pdbx_host_org_atcc                 ? 
_entity_src_gen.pdbx_host_org_culture_collection   ? 
_entity_src_gen.pdbx_host_org_cell                 ? 
_entity_src_gen.pdbx_host_org_organelle            ? 
_entity_src_gen.pdbx_host_org_cellular_location    ? 
_entity_src_gen.pdbx_host_org_vector_type          ? 
_entity_src_gen.pdbx_host_org_vector               ? 
_entity_src_gen.host_org_details                   ? 
_entity_src_gen.expression_system_id               ? 
_entity_src_gen.plasmid_name                       ? 
_entity_src_gen.plasmid_details                    ? 
_entity_src_gen.pdbx_description                   ? 
# 
loop_
_chem_comp.id 
_chem_comp.type 
_chem_comp.mon_nstd_flag 
_chem_comp.name 
_chem_comp.pdbx_synonyms 
_chem_comp.formula 
_chem_comp.formula_weight 
A 'RNA linking' y "ADENOSINE-5'-MONOPHOSPHATE" ? 'C10 H14 N5 O7 P' 347.221 
C 'RNA linking' y "CYTIDINE-5'-MONOPHOSPHATE"  ? 'C9 H14 N3 O8 P'  323.197 
G 'RNA linking' y "GUANOSINE-5'-MONOPHOSPHATE" ? 'C10 H14 N5 O8 P' 363.221 
U 'RNA linking' y "URIDINE-5'-MONOPHOSPHATE"   ? 'C9 H13 N2 O9 P'  324.181 
# 
loop_
_pdbx_poly_seq_scheme.asym_id 
_pdbx_poly_seq_scheme.entity_id 
_pdbx_poly_seq_scheme.seq_id 
_pdbx_poly_seq_scheme.mon_id 
_pdbx_poly_seq_scheme.ndb_seq_num 
_pdbx_poly_seq_scheme.pdb_seq_num 
_pdbx_poly_seq_scheme.auth_seq_num 
_pdbx_poly_seq_scheme.pdb_mon_id 
_pdbx_poly_seq_scheme.auth_mon_id 
_pdbx_poly_seq_scheme.pdb_strand_id 
_pdbx_poly_seq_scheme.pdb_ins_code 
_pdbx_poly_seq_scheme.hetero 
A 1 1  U 1  8  8  U U A . n 
A 1 2  U 2  9  9  U U A . n 
A 1 3  A 3  10 10 A A A . n 
A 1 4  C 4  11 11 C C A . n 
A 1 5  C 5  12 12 C C A . n 
A 1 6  C 6  13 13 C C A . n 
A 1 7  A 7  14 14 A A A . n 
A 1 8  A 8  15 15 A A A . n 
A 1 9  G 9  16 16 G G A . n 
A 1 10 U 10 17 17 U U A . n 
A 1 11 U 11 18 18 U U A . n 
A 1 12 U 12 19 19 U U A . n 
A 1 13 G 13 20 20 G G A . n 
A 1 14 A 14 21 21 A A A . n 
A 1 15 G 15 22 22 G G A . n 
A 1 16 G 16 23 23 G G A . n 
A 1 17 U 17 24 24 U U A . n 
A 1 18 A 18 25 25 A A A . n 
A 1 19 A 19 26 26 A A A . n 
# 
loop_
_software.name 
_software.classification 
_software.version 
_software.citation_id 
_software.pdbx_ordinal 
X-PLOR 'model building' 3.1 ? 1 
X-PLOR refinement       3.1 ? 2 
X-PLOR phasing          3.1 ? 3 
# 
_cell.entry_id           1SLO 
_cell.length_a           1.000 
_cell.length_b           1.000 
_cell.length_c           1.000 
_cell.angle_alpha        90.00 
_cell.angle_beta         90.00 
_cell.angle_gamma        90.00 
_cell.Z_PDB              1 
_cell.pdbx_unique_axis   ? 
# 
_symmetry.entry_id                         1SLO 
_symmetry.space_group_name_H-M             'P 1' 
_symmetry.pdbx_full_space_group_name_H-M   ? 
_symmetry.cell_setting                     ? 
_symmetry.Int_Tables_number                1 
# 
_exptl.entry_id          1SLO 
_exptl.method            'SOLUTION NMR' 
_exptl.crystals_number   ? 
# 
_struct.entry_id                  1SLO 
_struct.title                     'FIRST STEM LOOP OF THE SL1 RNA FROM CAENORHABDITIS ELEGANS, NMR, MINIMIZED AVERAGE STRUCTURE' 
_struct.pdbx_model_details        ? 
_struct.pdbx_CASP_flag            ? 
_struct.pdbx_model_type_details   ? 
# 
_struct_keywords.entry_id        1SLO 
_struct_keywords.pdbx_keywords   RNA 
_struct_keywords.text            'SPLICE DONOR SITE, STEM-LOOP, RIBONUCLEIC ACID, RNA' 
# 
_struct_asym.id                            A 
_struct_asym.pdbx_blank_PDB_chainid_flag   N 
_struct_asym.pdbx_modified                 N 
_struct_asym.entity_id                     1 
_struct_asym.details                       ? 
# 
_struct_ref.id                         1 
_struct_ref.entity_id                  1 
_struct_ref.db_name                    PDB 
_struct_ref.db_code                    1SLO 
_struct_ref.pdbx_db_accession          1SLO 
_struct_ref.pdbx_db_isoform            ? 
_struct_ref.pdbx_seq_one_letter_code   ? 
_struct_ref.pdbx_align_begin           ? 
# 
_struct_ref_seq.align_id                      1 
_struct_ref_seq.ref_id                        1 
_struct_ref_seq.pdbx_PDB_id_code              1SLO 
_struct_ref_seq.pdbx_strand_id                A 
_struct_ref_seq.seq_align_beg                 1 
_struct_ref_seq.pdbx_seq_align_beg_ins_code   ? 
_struct_ref_seq.seq_align_end                 19 
_struct_ref_seq.pdbx_seq_align_end_ins_code   ? 
_struct_ref_seq.pdbx_db_accession             1SLO 
_struct_ref_seq.db_align_beg                  8 
_struct_ref_seq.pdbx_db_align_beg_ins_code    ? 
_struct_ref_seq.db_align_end                  26 
_struct_ref_seq.pdbx_db_align_end_ins_code    ? 
_struct_ref_seq.pdbx_auth_seq_align_beg       8 
_struct_ref_seq.pdbx_auth_seq_align_end       26 
# 
_pdbx_struct_assembly.id                   1 
_pdbx_struct_assembly.details              author_defined_assembly 
_pdbx_struct_assembly.method_details       ? 
_pdbx_struct_assembly.oligomeric_details   monomeric 
_pdbx_struct_assembly.oligomeric_count     1 
# 
_pdbx_struct_assembly_gen.assembly_id       1 
_pdbx_struct_assembly_gen.oper_expression   1 
_pdbx_struct_assembly_gen.asym_id_list      A 
# 
_pdbx_struct_oper_list.id                   1 
_pdbx_struct_oper_list.type                 'identity operation' 
_pdbx_struct_oper_list.name                 1_555 
_pdbx_struct_oper_list.symmetry_operation   x,y,z 
_pdbx_struct_oper_list.matrix[1][1]         1.0000000000 
_pdbx_struct_oper_list.matrix[1][2]         0.0000000000 
_pdbx_struct_oper_list.matrix[1][3]         0.0000000000 
_pdbx_struct_oper_list.vector[1]            0.0000000000 
_pdbx_struct_oper_list.matrix[2][1]         0.0000000000 
_pdbx_struct_oper_list.matrix[2][2]         1.0000000000 
_pdbx_struct_oper_list.matrix[2][3]         0.0000000000 
_pdbx_struct_oper_list.vector[2]            0.0000000000 
_pdbx_struct_oper_list.matrix[3][1]         0.0000000000 
_pdbx_struct_oper_list.matrix[3][2]         0.0000000000 
_pdbx_struct_oper_list.matrix[3][3]         1.0000000000 
_pdbx_struct_oper_list.vector[3]            0.0000000000 
# 
_struct_biol.id   1 
# 
loop_
_struct_conn.id 
_struct_conn.conn_type_id 
_struct_conn.pdbx_leaving_atom_flag 
_struct_conn.pdbx_PDB_id 
_struct_conn.ptnr1_label_asym_id 
_struct_conn.ptnr1_label_comp_id 
_struct_conn.ptnr1_label_seq_id 
_struct_conn.ptnr1_label_atom_id 
_struct_conn.pdbx_ptnr1_label_alt_id 
_struct_conn.pdbx_ptnr1_PDB_ins_code 
_struct_conn.pdbx_ptnr1_standard_comp_id 
_struct_conn.ptnr1_symmetry 
_struct_conn.ptnr2_label_asym_id 
_struct_conn.ptnr2_label_comp_id 
_struct_conn.ptnr2_label_seq_id 
_struct_conn.ptnr2_label_atom_id 
_struct_conn.pdbx_ptnr2_label_alt_id 
_struct_conn.pdbx_ptnr2_PDB_ins_code 
_struct_conn.ptnr1_auth_asym_id 
_struct_conn.ptnr1_auth_comp_id 
_struct_conn.ptnr1_auth_seq_id 
_struct_conn.ptnr2_auth_asym_id 
_struct_conn.ptnr2_auth_comp_id 
_struct_conn.ptnr2_auth_seq_id 
_struct_conn.ptnr2_symmetry 
_struct_conn.pdbx_ptnr3_label_atom_id 
_struct_conn.pdbx_ptnr3_label_seq_id 
_struct_conn.pdbx_ptnr3_label_comp_id 
_struct_conn.pdbx_ptnr3_label_asym_id 
_struct_conn.pdbx_ptnr3_label_alt_id 
_struct_conn.pdbx_ptnr3_PDB_ins_code 
_struct_conn.details 
_struct_conn.pdbx_dist_value 
_struct_conn.pdbx_value_order 
_struct_conn.pdbx_role 
hydrog1  hydrog ? ? A U 1 N3 ? ? ? 1_555 A A 19 N1 ? ? A U 8  A A 26 1_555 ? ? ? ? ? ? WATSON-CRICK ? ? ? 
hydrog2  hydrog ? ? A U 1 O4 ? ? ? 1_555 A A 19 N6 ? ? A U 8  A A 26 1_555 ? ? ? ? ? ? WATSON-CRICK ? ? ? 
hydrog3  hydrog ? ? A U 2 N3 ? ? ? 1_555 A A 18 N1 ? ? A U 9  A A 25 1_555 ? ? ? ? ? ? WATSON-CRICK ? ? ? 
hydrog4  hydrog ? ? A U 2 O4 ? ? ? 1_555 A A 18 N6 ? ? A U 9  A A 25 1_555 ? ? ? ? ? ? WATSON-CRICK ? ? ? 
hydrog5  hydrog ? ? A A 3 N1 ? ? ? 1_555 A U 17 N3 ? ? A A 10 A U 24 1_555 ? ? ? ? ? ? WATSON-CRICK ? ? ? 
hydrog6  hydrog ? ? A A 3 N6 ? ? ? 1_555 A U 17 O4 ? ? A A 10 A U 24 1_555 ? ? ? ? ? ? WATSON-CRICK ? ? ? 
hydrog7  hydrog ? ? A C 4 N3 ? ? ? 1_555 A G 16 N1 ? ? A C 11 A G 23 1_555 ? ? ? ? ? ? WATSON-CRICK ? ? ? 
hydrog8  hydrog ? ? A C 4 N4 ? ? ? 1_555 A G 16 O6 ? ? A C 11 A G 23 1_555 ? ? ? ? ? ? WATSON-CRICK ? ? ? 
hydrog9  hydrog ? ? A C 4 O2 ? ? ? 1_555 A G 16 N2 ? ? A C 11 A G 23 1_555 ? ? ? ? ? ? WATSON-CRICK ? ? ? 
hydrog10 hydrog ? ? A C 5 N3 ? ? ? 1_555 A G 15 N1 ? ? A C 12 A G 22 1_555 ? ? ? ? ? ? WATSON-CRICK ? ? ? 
hydrog11 hydrog ? ? A C 5 N4 ? ? ? 1_555 A G 15 O6 ? ? A C 12 A G 22 1_555 ? ? ? ? ? ? WATSON-CRICK ? ? ? 
hydrog12 hydrog ? ? A C 5 O2 ? ? ? 1_555 A G 15 N2 ? ? A C 12 A G 22 1_555 ? ? ? ? ? ? WATSON-CRICK ? ? ? 
hydrog13 hydrog ? ? A C 6 N3 ? ? ? 1_555 A G 13 N1 ? ? A C 13 A G 20 1_555 ? ? ? ? ? ? WATSON-CRICK ? ? ? 
hydrog14 hydrog ? ? A C 6 N4 ? ? ? 1_555 A G 13 O6 ? ? A C 13 A G 20 1_555 ? ? ? ? ? ? WATSON-CRICK ? ? ? 
hydrog15 hydrog ? ? A C 6 O2 ? ? ? 1_555 A G 13 N2 ? ? A C 13 A G 20 1_555 ? ? ? ? ? ? WATSON-CRICK ? ? ? 
hydrog16 hydrog ? ? A A 7 N1 ? ? ? 1_555 A U 12 N3 ? ? A A 14 A U 19 1_555 ? ? ? ? ? ? WATSON-CRICK ? ? ? 
hydrog17 hydrog ? ? A A 7 N6 ? ? ? 1_555 A U 12 O4 ? ? A A 14 A U 19 1_555 ? ? ? ? ? ? WATSON-CRICK ? ? ? 
# 
_struct_conn_type.id          hydrog 
_struct_conn_type.criteria    ? 
_struct_conn_type.reference   ? 
# 
loop_
_pdbx_validate_close_contact.id 
_pdbx_validate_close_contact.PDB_model_num 
_pdbx_validate_close_contact.auth_atom_id_1 
_pdbx_validate_close_contact.auth_asym_id_1 
_pdbx_validate_close_contact.auth_comp_id_1 
_pdbx_validate_close_contact.auth_seq_id_1 
_pdbx_validate_close_contact.PDB_ins_code_1 
_pdbx_validate_close_contact.label_alt_id_1 
_pdbx_validate_close_contact.auth_atom_id_2 
_pdbx_validate_close_contact.auth_asym_id_2 
_pdbx_validate_close_contact.auth_comp_id_2 
_pdbx_validate_close_contact.auth_seq_id_2 
_pdbx_validate_close_contact.PDB_ins_code_2 
_pdbx_validate_close_contact.label_alt_id_2 
_pdbx_validate_close_contact.dist 
1 1 O2     A C 13 ? ? H21   A G 20 ? ? 1.56 
2 1 "HO2'" A C 12 ? ? "O5'" A C 13 ? ? 1.57 
# 
loop_
_pdbx_validate_rmsd_angle.id 
_pdbx_validate_rmsd_angle.PDB_model_num 
_pdbx_validate_rmsd_angle.auth_atom_id_1 
_pdbx_validate_rmsd_angle.auth_asym_id_1 
_pdbx_validate_rmsd_angle.auth_comp_id_1 
_pdbx_validate_rmsd_angle.auth_seq_id_1 
_pdbx_validate_rmsd_angle.PDB_ins_code_1 
_pdbx_validate_rmsd_angle.label_alt_id_1 
_pdbx_validate_rmsd_angle.auth_atom_id_2 
_pdbx_validate_rmsd_angle.auth_asym_id_2 
_pdbx_validate_rmsd_angle.auth_comp_id_2 
_pdbx_validate_rmsd_angle.auth_seq_id_2 
_pdbx_validate_rmsd_angle.PDB_ins_code_2 
_pdbx_validate_rmsd_angle.label_alt_id_2 
_pdbx_validate_rmsd_angle.auth_atom_id_3 
_pdbx_validate_rmsd_angle.auth_asym_id_3 
_pdbx_validate_rmsd_angle.auth_comp_id_3 
_pdbx_validate_rmsd_angle.auth_seq_id_3 
_pdbx_validate_rmsd_angle.PDB_ins_code_3 
_pdbx_validate_rmsd_angle.label_alt_id_3 
_pdbx_validate_rmsd_angle.angle_value 
_pdbx_validate_rmsd_angle.angle_target_value 
_pdbx_validate_rmsd_angle.angle_deviation 
_pdbx_validate_rmsd_angle.angle_standard_deviation 
_pdbx_validate_rmsd_angle.linker_flag 
1  1 "O4'" A U 9  ? ? "C1'" A U 9  ? ? N1    A U 9  ? ? 113.39 108.50 4.89  0.70 N 
2  1 "O4'" A A 10 ? ? "C1'" A A 10 ? ? N9    A A 10 ? ? 113.11 108.50 4.61  0.70 N 
3  1 "O4'" A C 11 ? ? "C1'" A C 11 ? ? N1    A C 11 ? ? 114.75 108.50 6.25  0.70 N 
4  1 N1    A C 11 ? ? C2    A C 11 ? ? O2    A C 11 ? ? 122.53 118.90 3.63  0.60 N 
5  1 N1    A C 13 ? ? "C1'" A C 13 ? ? "C2'" A C 13 ? ? 104.21 112.00 -7.79 1.10 N 
6  1 "O4'" A C 13 ? ? "C1'" A C 13 ? ? N1    A C 13 ? ? 117.92 108.50 9.42  0.70 N 
7  1 N1    A A 14 ? ? C6    A A 14 ? ? N6    A A 14 ? ? 114.92 118.60 -3.68 0.60 N 
8  1 "C3'" A A 14 ? ? "O3'" A A 14 ? ? P     A A 15 ? ? 130.40 119.70 10.70 1.20 Y 
9  1 "O4'" A G 16 ? ? "C1'" A G 16 ? ? N9    A G 16 ? ? 112.75 108.50 4.25  0.70 N 
10 1 "C3'" A G 16 ? ? "O3'" A G 16 ? ? P     A U 17 ? ? 132.77 119.70 13.07 1.20 Y 
11 1 "C3'" A U 17 ? ? "C2'" A U 17 ? ? "C1'" A U 17 ? ? 106.37 101.50 4.87  0.80 N 
12 1 "O4'" A U 18 ? ? "C1'" A U 18 ? ? N1    A U 18 ? ? 117.00 108.50 8.50  0.70 N 
13 1 "C3'" A U 18 ? ? "O3'" A U 18 ? ? P     A U 19 ? ? 127.80 119.70 8.10  1.20 Y 
14 1 "C3'" A U 19 ? ? "O3'" A U 19 ? ? P     A G 20 ? ? 127.77 119.70 8.07  1.20 Y 
15 1 "C1'" A G 20 ? ? "O4'" A G 20 ? ? "C4'" A G 20 ? ? 104.02 109.70 -5.68 0.70 N 
16 1 "O4'" A A 21 ? ? "C1'" A A 21 ? ? N9    A A 21 ? ? 113.40 108.50 4.90  0.70 N 
17 1 "C3'" A A 21 ? ? "O3'" A A 21 ? ? P     A G 22 ? ? 130.38 119.70 10.68 1.20 Y 
18 1 "O4'" A G 22 ? ? "C1'" A G 22 ? ? N9    A G 22 ? ? 113.51 108.50 5.01  0.70 N 
# 
_pdbx_nmr_ensemble.entry_id                             1SLO 
_pdbx_nmr_ensemble.conformers_calculated_total_number   16 
_pdbx_nmr_ensemble.conformers_submitted_total_number    1 
_pdbx_nmr_ensemble.conformer_selection_criteria         'MINIMIZED AVERAGE' 
# 
_pdbx_nmr_refine.entry_id           1SLO 
_pdbx_nmr_refine.method             ? 
_pdbx_nmr_refine.details            CHARMM 
_pdbx_nmr_refine.software_ordinal   1 
# 
_pdbx_nmr_software.classification   refinement 
_pdbx_nmr_software.name             'X-PLOR 3.1F' 
_pdbx_nmr_software.version          3.1F 
_pdbx_nmr_software.authors          BRUNGER 
_pdbx_nmr_software.ordinal          1 
# 
loop_
_chem_comp_atom.comp_id 
_chem_comp_atom.atom_id 
_chem_comp_atom.type_symbol 
_chem_comp_atom.pdbx_aromatic_flag 
_chem_comp_atom.pdbx_stereo_config 
_chem_comp_atom.pdbx_ordinal 
A OP3    O N N 1   
A P      P N N 2   
A OP1    O N N 3   
A OP2    O N N 4   
A "O5'"  O N N 5   
A "C5'"  C N N 6   
A "C4'"  C N R 7   
A "O4'"  O N N 8   
A "C3'"  C N S 9   
A "O3'"  O N N 10  
A "C2'"  C N R 11  
A "O2'"  O N N 12  
A "C1'"  C N R 13  
A N9     N Y N 14  
A C8     C Y N 15  
A N7     N Y N 16  
A C5     C Y N 17  
A C6     C Y N 18  
A N6     N N N 19  
A N1     N Y N 20  
A C2     C Y N 21  
A N3     N Y N 22  
A C4     C Y N 23  
A HOP3   H N N 24  
A HOP2   H N N 25  
A "H5'"  H N N 26  
A "H5''" H N N 27  
A "H4'"  H N N 28  
A "H3'"  H N N 29  
A "HO3'" H N N 30  
A "H2'"  H N N 31  
A "HO2'" H N N 32  
A "H1'"  H N N 33  
A H8     H N N 34  
A H61    H N N 35  
A H62    H N N 36  
A H2     H N N 37  
C OP3    O N N 38  
C P      P N N 39  
C OP1    O N N 40  
C OP2    O N N 41  
C "O5'"  O N N 42  
C "C5'"  C N N 43  
C "C4'"  C N R 44  
C "O4'"  O N N 45  
C "C3'"  C N S 46  
C "O3'"  O N N 47  
C "C2'"  C N R 48  
C "O2'"  O N N 49  
C "C1'"  C N R 50  
C N1     N N N 51  
C C2     C N N 52  
C O2     O N N 53  
C N3     N N N 54  
C C4     C N N 55  
C N4     N N N 56  
C C5     C N N 57  
C C6     C N N 58  
C HOP3   H N N 59  
C HOP2   H N N 60  
C "H5'"  H N N 61  
C "H5''" H N N 62  
C "H4'"  H N N 63  
C "H3'"  H N N 64  
C "HO3'" H N N 65  
C "H2'"  H N N 66  
C "HO2'" H N N 67  
C "H1'"  H N N 68  
C H41    H N N 69  
C H42    H N N 70  
C H5     H N N 71  
C H6     H N N 72  
G OP3    O N N 73  
G P      P N N 74  
G OP1    O N N 75  
G OP2    O N N 76  
G "O5'"  O N N 77  
G "C5'"  C N N 78  
G "C4'"  C N R 79  
G "O4'"  O N N 80  
G "C3'"  C N S 81  
G "O3'"  O N N 82  
G "C2'"  C N R 83  
G "O2'"  O N N 84  
G "C1'"  C N R 85  
G N9     N Y N 86  
G C8     C Y N 87  
G N7     N Y N 88  
G C5     C Y N 89  
G C6     C N N 90  
G O6     O N N 91  
G N1     N N N 92  
G C2     C N N 93  
G N2     N N N 94  
G N3     N N N 95  
G C4     C Y N 96  
G HOP3   H N N 97  
G HOP2   H N N 98  
G "H5'"  H N N 99  
G "H5''" H N N 100 
G "H4'"  H N N 101 
G "H3'"  H N N 102 
G "HO3'" H N N 103 
G "H2'"  H N N 104 
G "HO2'" H N N 105 
G "H1'"  H N N 106 
G H8     H N N 107 
G H1     H N N 108 
G H21    H N N 109 
G H22    H N N 110 
U OP3    O N N 111 
U P      P N N 112 
U OP1    O N N 113 
U OP2    O N N 114 
U "O5'"  O N N 115 
U "C5'"  C N N 116 
U "C4'"  C N R 117 
U "O4'"  O N N 118 
U "C3'"  C N S 119 
U "O3'"  O N N 120 
U "C2'"  C N R 121 
U "O2'"  O N N 122 
U "C1'"  C N R 123 
U N1     N N N 124 
U C2     C N N 125 
U O2     O N N 126 
U N3     N N N 127 
U C4     C N N 128 
U O4     O N N 129 
U C5     C N N 130 
U C6     C N N 131 
U HOP3   H N N 132 
U HOP2   H N N 133 
U "H5'"  H N N 134 
U "H5''" H N N 135 
U "H4'"  H N N 136 
U "H3'"  H N N 137 
U "HO3'" H N N 138 
U "H2'"  H N N 139 
U "HO2'" H N N 140 
U "H1'"  H N N 141 
U H3     H N N 142 
U H5     H N N 143 
U H6     H N N 144 
# 
loop_
_chem_comp_bond.comp_id 
_chem_comp_bond.atom_id_1 
_chem_comp_bond.atom_id_2 
_chem_comp_bond.value_order 
_chem_comp_bond.pdbx_aromatic_flag 
_chem_comp_bond.pdbx_stereo_config 
_chem_comp_bond.pdbx_ordinal 
A OP3   P      sing N N 1   
A OP3   HOP3   sing N N 2   
A P     OP1    doub N N 3   
A P     OP2    sing N N 4   
A P     "O5'"  sing N N 5   
A OP2   HOP2   sing N N 6   
A "O5'" "C5'"  sing N N 7   
A "C5'" "C4'"  sing N N 8   
A "C5'" "H5'"  sing N N 9   
A "C5'" "H5''" sing N N 10  
A "C4'" "O4'"  sing N N 11  
A "C4'" "C3'"  sing N N 12  
A "C4'" "H4'"  sing N N 13  
A "O4'" "C1'"  sing N N 14  
A "C3'" "O3'"  sing N N 15  
A "C3'" "C2'"  sing N N 16  
A "C3'" "H3'"  sing N N 17  
A "O3'" "HO3'" sing N N 18  
A "C2'" "O2'"  sing N N 19  
A "C2'" "C1'"  sing N N 20  
A "C2'" "H2'"  sing N N 21  
A "O2'" "HO2'" sing N N 22  
A "C1'" N9     sing N N 23  
A "C1'" "H1'"  sing N N 24  
A N9    C8     sing Y N 25  
A N9    C4     sing Y N 26  
A C8    N7     doub Y N 27  
A C8    H8     sing N N 28  
A N7    C5     sing Y N 29  
A C5    C6     sing Y N 30  
A C5    C4     doub Y N 31  
A C6    N6     sing N N 32  
A C6    N1     doub Y N 33  
A N6    H61    sing N N 34  
A N6    H62    sing N N 35  
A N1    C2     sing Y N 36  
A C2    N3     doub Y N 37  
A C2    H2     sing N N 38  
A N3    C4     sing Y N 39  
C OP3   P      sing N N 40  
C OP3   HOP3   sing N N 41  
C P     OP1    doub N N 42  
C P     OP2    sing N N 43  
C P     "O5'"  sing N N 44  
C OP2   HOP2   sing N N 45  
C "O5'" "C5'"  sing N N 46  
C "C5'" "C4'"  sing N N 47  
C "C5'" "H5'"  sing N N 48  
C "C5'" "H5''" sing N N 49  
C "C4'" "O4'"  sing N N 50  
C "C4'" "C3'"  sing N N 51  
C "C4'" "H4'"  sing N N 52  
C "O4'" "C1'"  sing N N 53  
C "C3'" "O3'"  sing N N 54  
C "C3'" "C2'"  sing N N 55  
C "C3'" "H3'"  sing N N 56  
C "O3'" "HO3'" sing N N 57  
C "C2'" "O2'"  sing N N 58  
C "C2'" "C1'"  sing N N 59  
C "C2'" "H2'"  sing N N 60  
C "O2'" "HO2'" sing N N 61  
C "C1'" N1     sing N N 62  
C "C1'" "H1'"  sing N N 63  
C N1    C2     sing N N 64  
C N1    C6     sing N N 65  
C C2    O2     doub N N 66  
C C2    N3     sing N N 67  
C N3    C4     doub N N 68  
C C4    N4     sing N N 69  
C C4    C5     sing N N 70  
C N4    H41    sing N N 71  
C N4    H42    sing N N 72  
C C5    C6     doub N N 73  
C C5    H5     sing N N 74  
C C6    H6     sing N N 75  
G OP3   P      sing N N 76  
G OP3   HOP3   sing N N 77  
G P     OP1    doub N N 78  
G P     OP2    sing N N 79  
G P     "O5'"  sing N N 80  
G OP2   HOP2   sing N N 81  
G "O5'" "C5'"  sing N N 82  
G "C5'" "C4'"  sing N N 83  
G "C5'" "H5'"  sing N N 84  
G "C5'" "H5''" sing N N 85  
G "C4'" "O4'"  sing N N 86  
G "C4'" "C3'"  sing N N 87  
G "C4'" "H4'"  sing N N 88  
G "O4'" "C1'"  sing N N 89  
G "C3'" "O3'"  sing N N 90  
G "C3'" "C2'"  sing N N 91  
G "C3'" "H3'"  sing N N 92  
G "O3'" "HO3'" sing N N 93  
G "C2'" "O2'"  sing N N 94  
G "C2'" "C1'"  sing N N 95  
G "C2'" "H2'"  sing N N 96  
G "O2'" "HO2'" sing N N 97  
G "C1'" N9     sing N N 98  
G "C1'" "H1'"  sing N N 99  
G N9    C8     sing Y N 100 
G N9    C4     sing Y N 101 
G C8    N7     doub Y N 102 
G C8    H8     sing N N 103 
G N7    C5     sing Y N 104 
G C5    C6     sing N N 105 
G C5    C4     doub Y N 106 
G C6    O6     doub N N 107 
G C6    N1     sing N N 108 
G N1    C2     sing N N 109 
G N1    H1     sing N N 110 
G C2    N2     sing N N 111 
G C2    N3     doub N N 112 
G N2    H21    sing N N 113 
G N2    H22    sing N N 114 
G N3    C4     sing N N 115 
U OP3   P      sing N N 116 
U OP3   HOP3   sing N N 117 
U P     OP1    doub N N 118 
U P     OP2    sing N N 119 
U P     "O5'"  sing N N 120 
U OP2   HOP2   sing N N 121 
U "O5'" "C5'"  sing N N 122 
U "C5'" "C4'"  sing N N 123 
U "C5'" "H5'"  sing N N 124 
U "C5'" "H5''" sing N N 125 
U "C4'" "O4'"  sing N N 126 
U "C4'" "C3'"  sing N N 127 
U "C4'" "H4'"  sing N N 128 
U "O4'" "C1'"  sing N N 129 
U "C3'" "O3'"  sing N N 130 
U "C3'" "C2'"  sing N N 131 
U "C3'" "H3'"  sing N N 132 
U "O3'" "HO3'" sing N N 133 
U "C2'" "O2'"  sing N N 134 
U "C2'" "C1'"  sing N N 135 
U "C2'" "H2'"  sing N N 136 
U "O2'" "HO2'" sing N N 137 
U "C1'" N1     sing N N 138 
U "C1'" "H1'"  sing N N 139 
U N1    C2     sing N N 140 
U N1    C6     sing N N 141 
U C2    O2     doub N N 142 
U C2    N3     sing N N 143 
U N3    C4     sing N N 144 
U N3    H3     sing N N 145 
U C4    O4     doub N N 146 
U C4    C5     sing N N 147 
U C5    C6     doub N N 148 
U C5    H5     sing N N 149 
U C6    H6     sing N N 150 
# 
loop_
_ndb_struct_conf_na.entry_id 
_ndb_struct_conf_na.feature 
1SLO 'a-form double helix' 
1SLO 'hairpin loop'        
1SLO 'bulge loop'          
# 
loop_
_ndb_struct_na_base_pair.model_number 
_ndb_struct_na_base_pair.i_label_asym_id 
_ndb_struct_na_base_pair.i_label_comp_id 
_ndb_struct_na_base_pair.i_label_seq_id 
_ndb_struct_na_base_pair.i_symmetry 
_ndb_struct_na_base_pair.j_label_asym_id 
_ndb_struct_na_base_pair.j_label_comp_id 
_ndb_struct_na_base_pair.j_label_seq_id 
_ndb_struct_na_base_pair.j_symmetry 
_ndb_struct_na_base_pair.shear 
_ndb_struct_na_base_pair.stretch 
_ndb_struct_na_base_pair.stagger 
_ndb_struct_na_base_pair.buckle 
_ndb_struct_na_base_pair.propeller 
_ndb_struct_na_base_pair.opening 
_ndb_struct_na_base_pair.pair_number 
_ndb_struct_na_base_pair.pair_name 
_ndb_struct_na_base_pair.i_auth_asym_id 
_ndb_struct_na_base_pair.i_auth_seq_id 
_ndb_struct_na_base_pair.i_PDB_ins_code 
_ndb_struct_na_base_pair.j_auth_asym_id 
_ndb_struct_na_base_pair.j_auth_seq_id 
_ndb_struct_na_base_pair.j_PDB_ins_code 
_ndb_struct_na_base_pair.hbond_type_28 
_ndb_struct_na_base_pair.hbond_type_12 
1 A U 1 1_555 A A 19 1_555 -0.035 -0.278 -0.516 1.773   -16.004 3.728 1 A_U8:A26_A  A 8  ? A 26 ? 20 1 
1 A U 2 1_555 A A 18 1_555 -0.116 -0.223 0.126  -3.863  -16.087 2.140 2 A_U9:A25_A  A 9  ? A 25 ? 20 1 
1 A A 3 1_555 A U 17 1_555 0.125  -0.217 -0.164 -0.651  -8.781  5.762 3 A_A10:U24_A A 10 ? A 24 ? 20 1 
1 A C 4 1_555 A G 16 1_555 0.841  -0.270 -0.118 7.074   -9.672  3.212 4 A_C11:G23_A A 11 ? A 23 ? 19 1 
1 A C 5 1_555 A G 15 1_555 0.576  -0.351 -0.207 2.956   -4.599  1.074 5 A_C12:G22_A A 12 ? A 22 ? 19 1 
1 A C 6 1_555 A G 13 1_555 0.540  -0.074 0.519  -15.702 -15.243 7.651 6 A_C13:G20_A A 13 ? A 20 ? 19 1 
1 A A 7 1_555 A U 12 1_555 0.375  -0.210 -0.530 -3.179  -15.433 9.007 7 A_A14:U19_A A 14 ? A 19 ? 20 1 
# 
loop_
_ndb_struct_na_base_pair_step.model_number 
_ndb_struct_na_base_pair_step.i_label_asym_id_1 
_ndb_struct_na_base_pair_step.i_label_comp_id_1 
_ndb_struct_na_base_pair_step.i_label_seq_id_1 
_ndb_struct_na_base_pair_step.i_symmetry_1 
_ndb_struct_na_base_pair_step.j_label_asym_id_1 
_ndb_struct_na_base_pair_step.j_label_comp_id_1 
_ndb_struct_na_base_pair_step.j_label_seq_id_1 
_ndb_struct_na_base_pair_step.j_symmetry_1 
_ndb_struct_na_base_pair_step.i_label_asym_id_2 
_ndb_struct_na_base_pair_step.i_label_comp_id_2 
_ndb_struct_na_base_pair_step.i_label_seq_id_2 
_ndb_struct_na_base_pair_step.i_symmetry_2 
_ndb_struct_na_base_pair_step.j_label_asym_id_2 
_ndb_struct_na_base_pair_step.j_label_comp_id_2 
_ndb_struct_na_base_pair_step.j_label_seq_id_2 
_ndb_struct_na_base_pair_step.j_symmetry_2 
_ndb_struct_na_base_pair_step.shift 
_ndb_struct_na_base_pair_step.slide 
_ndb_struct_na_base_pair_step.rise 
_ndb_struct_na_base_pair_step.tilt 
_ndb_struct_na_base_pair_step.roll 
_ndb_struct_na_base_pair_step.twist 
_ndb_struct_na_base_pair_step.x_displacement 
_ndb_struct_na_base_pair_step.y_displacement 
_ndb_struct_na_base_pair_step.helical_rise 
_ndb_struct_na_base_pair_step.inclination 
_ndb_struct_na_base_pair_step.tip 
_ndb_struct_na_base_pair_step.helical_twist 
_ndb_struct_na_base_pair_step.step_number 
_ndb_struct_na_base_pair_step.step_name 
_ndb_struct_na_base_pair_step.i_auth_asym_id_1 
_ndb_struct_na_base_pair_step.i_auth_seq_id_1 
_ndb_struct_na_base_pair_step.i_PDB_ins_code_1 
_ndb_struct_na_base_pair_step.j_auth_asym_id_1 
_ndb_struct_na_base_pair_step.j_auth_seq_id_1 
_ndb_struct_na_base_pair_step.j_PDB_ins_code_1 
_ndb_struct_na_base_pair_step.i_auth_asym_id_2 
_ndb_struct_na_base_pair_step.i_auth_seq_id_2 
_ndb_struct_na_base_pair_step.i_PDB_ins_code_2 
_ndb_struct_na_base_pair_step.j_auth_asym_id_2 
_ndb_struct_na_base_pair_step.j_auth_seq_id_2 
_ndb_struct_na_base_pair_step.j_PDB_ins_code_2 
1 A U 1 1_555 A A 19 1_555 A U 2 1_555 A A 18 1_555 -0.463 -1.345 3.582 -1.603 0.181  28.776 -2.746 0.537  3.594 0.363  3.222   
28.820 1 AA_U8U9:A25A26_AA   A 8  ? A 26 ? A 9  ? A 25 ? 
1 A U 2 1_555 A A 18 1_555 A A 3 1_555 A U 17 1_555 0.397  -0.711 3.499 -0.252 -4.255 33.145 -0.474 -0.736 3.557 -7.420 0.439   
33.410 2 AA_U9A10:U24A25_AA  A 9  ? A 25 ? A 10 ? A 24 ? 
1 A A 3 1_555 A U 17 1_555 A C 4 1_555 A G 16 1_555 0.509  -1.319 3.009 1.297  -2.026 39.067 -1.742 -0.614 3.086 -3.025 -1.938  
39.138 3 AA_A10C11:G23U24_AA A 10 ? A 24 ? A 11 ? A 23 ? 
1 A C 4 1_555 A G 16 1_555 A C 5 1_555 A G 15 1_555 -0.137 -2.195 3.220 2.725  5.469  27.876 -5.601 0.848  2.723 11.182 -5.573  
28.525 4 AA_C11C12:G22G23_AA A 11 ? A 23 ? A 12 ? A 22 ? 
1 A C 5 1_555 A G 15 1_555 A C 6 1_555 A G 13 1_555 2.082  -0.375 3.328 5.234  23.265 48.625 -1.914 -1.962 3.065 26.490 -5.959  
53.837 5 AA_C12C13:G20G22_AA A 12 ? A 22 ? A 13 ? A 20 ? 
1 A C 6 1_555 A G 13 1_555 A A 7 1_555 A U 12 1_555 0.722  -0.924 2.859 6.392  13.637 21.668 -5.054 -0.166 2.059 31.799 -14.905 
26.336 6 AA_C13A14:U19G20_AA A 13 ? A 20 ? A 14 ? A 19 ? 
# 
_atom_sites.entry_id                    1SLO 
_atom_sites.fract_transf_matrix[1][1]   1.000000 
_atom_sites.fract_transf_matrix[1][2]   0.000000 
_atom_sites.fract_transf_matrix[1][3]   0.000000 
_atom_sites.fract_transf_matrix[2][1]   0.000000 
_atom_sites.fract_transf_matrix[2][2]   1.000000 
_atom_sites.fract_transf_matrix[2][3]   0.000000 
_atom_sites.fract_transf_matrix[3][1]   0.000000 
_atom_sites.fract_transf_matrix[3][2]   0.000000 
_atom_sites.fract_transf_matrix[3][3]   1.000000 
_atom_sites.fract_transf_vector[1]      0.00000 
_atom_sites.fract_transf_vector[2]      0.00000 
_atom_sites.fract_transf_vector[3]      0.00000 
# 
loop_
_atom_type.symbol 
C 
H 
N 
O 
P 
# 
loop_
_atom_site.group_PDB 
_atom_site.id 
_atom_site.type_symbol 
_atom_site.label_atom_id 
_atom_site.label_alt_id 
_atom_site.label_comp_id 
_atom_site.label_asym_id 
_atom_site.label_entity_id 
_atom_site.label_seq_id 
_atom_site.pdbx_PDB_ins_code 
_atom_site.Cartn_x 
_atom_site.Cartn_y 
_atom_site.Cartn_z 
_atom_site.occupancy 
_atom_site.B_iso_or_equiv 
_atom_site.pdbx_formal_charge 
_atom_site.auth_seq_id 
_atom_site.auth_comp_id 
_atom_site.auth_asym_id 
_atom_site.auth_atom_id 
_atom_site.pdbx_PDB_model_num 
ATOM 1   O "O5'"  . U A 1 1  ? -7.846  -4.530  -11.702 1.00 0.00 ? 8  U A "O5'"  1 
ATOM 2   C "C5'"  . U A 1 1  ? -8.188  -5.924  -11.673 1.00 0.00 ? 8  U A "C5'"  1 
ATOM 3   C "C4'"  . U A 1 1  ? -6.969  -6.815  -11.427 1.00 0.00 ? 8  U A "C4'"  1 
ATOM 4   O "O4'"  . U A 1 1  ? -5.982  -6.662  -12.465 1.00 0.00 ? 8  U A "O4'"  1 
ATOM 5   C "C3'"  . U A 1 1  ? -6.264  -6.456  -10.121 1.00 0.00 ? 8  U A "C3'"  1 
ATOM 6   O "O3'"  . U A 1 1  ? -6.938  -7.018  -8.976  1.00 0.00 ? 8  U A "O3'"  1 
ATOM 7   C "C2'"  . U A 1 1  ? -4.886  -7.034  -10.385 1.00 0.00 ? 8  U A "C2'"  1 
ATOM 8   O "O2'"  . U A 1 1  ? -4.876  -8.447  -10.120 1.00 0.00 ? 8  U A "O2'"  1 
ATOM 9   C "C1'"  . U A 1 1  ? -4.675  -6.803  -11.877 1.00 0.00 ? 8  U A "C1'"  1 
ATOM 10  N N1     . U A 1 1  ? -3.822  -5.603  -12.100 1.00 0.00 ? 8  U A N1     1 
ATOM 11  C C2     . U A 1 1  ? -2.449  -5.791  -12.132 1.00 0.00 ? 8  U A C2     1 
ATOM 12  O O2     . U A 1 1  ? -1.899  -6.880  -12.007 1.00 0.00 ? 8  U A O2     1 
ATOM 13  N N3     . U A 1 1  ? -1.683  -4.673  -12.321 1.00 0.00 ? 8  U A N3     1 
ATOM 14  C C4     . U A 1 1  ? -2.134  -3.391  -12.487 1.00 0.00 ? 8  U A C4     1 
ATOM 15  O O4     . U A 1 1  ? -1.313  -2.492  -12.649 1.00 0.00 ? 8  U A O4     1 
ATOM 16  C C5     . U A 1 1  ? -3.574  -3.265  -12.445 1.00 0.00 ? 8  U A C5     1 
ATOM 17  C C6     . U A 1 1  ? -4.360  -4.350  -12.257 1.00 0.00 ? 8  U A C6     1 
ATOM 18  H "H5'"  . U A 1 1  ? -8.639  -6.203  -12.626 1.00 0.00 ? 8  U A "H5'"  1 
ATOM 19  H "H5''" . U A 1 1  ? -8.914  -6.092  -10.877 1.00 0.00 ? 8  U A "H5''" 1 
ATOM 20  H "H4'"  . U A 1 1  ? -7.281  -7.859  -11.373 1.00 0.00 ? 8  U A "H4'"  1 
ATOM 21  H "H3'"  . U A 1 1  ? -6.147  -5.375  -10.032 1.00 0.00 ? 8  U A "H3'"  1 
ATOM 22  H "H2'"  . U A 1 1  ? -4.091  -6.558  -9.824  1.00 0.00 ? 8  U A "H2'"  1 
ATOM 23  H "HO2'" . U A 1 1  ? -4.144  -8.577  -9.498  1.00 0.00 ? 8  U A "HO2'" 1 
ATOM 24  H "H1'"  . U A 1 1  ? -4.191  -7.690  -12.284 1.00 0.00 ? 8  U A "H1'"  1 
ATOM 25  H H3     . U A 1 1  ? -0.678  -4.810  -12.328 1.00 0.00 ? 8  U A H3     1 
ATOM 26  H H5     . U A 1 1  ? -4.028  -2.282  -12.565 1.00 0.00 ? 8  U A H5     1 
ATOM 27  H H6     . U A 1 1  ? -5.444  -4.229  -12.231 1.00 0.00 ? 8  U A H6     1 
ATOM 28  H "HO5'" . U A 1 1  ? -7.585  -4.279  -10.813 1.00 0.00 ? 8  U A "HO5'" 1 
ATOM 29  P P      . U A 1 2  ? -6.521  -6.659  -7.453  1.00 0.00 ? 9  U A P      1 
ATOM 30  O OP1    . U A 1 2  ? -7.420  -7.381  -6.530  1.00 0.00 ? 9  U A OP1    1 
ATOM 31  O OP2    . U A 1 2  ? -6.389  -5.188  -7.351  1.00 0.00 ? 9  U A OP2    1 
ATOM 32  O "O5'"  . U A 1 2  ? -5.057  -7.308  -7.314  1.00 0.00 ? 9  U A "O5'"  1 
ATOM 33  C "C5'"  . U A 1 2  ? -4.875  -8.730  -7.208  1.00 0.00 ? 9  U A "C5'"  1 
ATOM 34  C "C4'"  . U A 1 2  ? -3.401  -9.071  -7.160  1.00 0.00 ? 9  U A "C4'"  1 
ATOM 35  O "O4'"  . U A 1 2  ? -2.714  -8.607  -8.341  1.00 0.00 ? 9  U A "O4'"  1 
ATOM 36  C "C3'"  . U A 1 2  ? -2.711  -8.383  -5.987  1.00 0.00 ? 9  U A "C3'"  1 
ATOM 37  O "O3'"  . U A 1 2  ? -2.962  -9.048  -4.733  1.00 0.00 ? 9  U A "O3'"  1 
ATOM 38  C "C2'"  . U A 1 2  ? -1.280  -8.448  -6.459  1.00 0.00 ? 9  U A "C2'"  1 
ATOM 39  O "O2'"  . U A 1 2  ? -0.733  -9.764  -6.321  1.00 0.00 ? 9  U A "O2'"  1 
ATOM 40  C "C1'"  . U A 1 2  ? -1.419  -8.127  -7.928  1.00 0.00 ? 9  U A "C1'"  1 
ATOM 41  N N1     . U A 1 2  ? -1.244  -6.662  -8.120  1.00 0.00 ? 9  U A N1     1 
ATOM 42  C C2     . U A 1 2  ? 0.047   -6.192  -8.231  1.00 0.00 ? 9  U A C2     1 
ATOM 43  O O2     . U A 1 2  ? 1.041   -6.910  -8.171  1.00 0.00 ? 9  U A O2     1 
ATOM 44  N N3     . U A 1 2  ? 0.183   -4.844  -8.423  1.00 0.00 ? 9  U A N3     1 
ATOM 45  C C4     . U A 1 2  ? -0.820  -3.918  -8.519  1.00 0.00 ? 9  U A C4     1 
ATOM 46  O O4     . U A 1 2  ? -0.510  -2.744  -8.710  1.00 0.00 ? 9  U A O4     1 
ATOM 47  C C5     . U A 1 2  ? -2.144  -4.476  -8.391  1.00 0.00 ? 9  U A C5     1 
ATOM 48  C C6     . U A 1 2  ? -2.313  -5.804  -8.199  1.00 0.00 ? 9  U A C6     1 
ATOM 49  H "H5'"  . U A 1 2  ? -5.327  -9.231  -8.065  1.00 0.00 ? 9  U A "H5'"  1 
ATOM 50  H "H5''" . U A 1 2  ? -5.349  -9.090  -6.294  1.00 0.00 ? 9  U A "H5''" 1 
ATOM 51  H "H4'"  . U A 1 2  ? -3.269  -10.149 -7.056  1.00 0.00 ? 9  U A "H4'"  1 
ATOM 52  H "H3'"  . U A 1 2  ? -3.005  -7.332  -5.951  1.00 0.00 ? 9  U A "H3'"  1 
ATOM 53  H "H2'"  . U A 1 2  ? -0.577  -7.769  -6.003  1.00 0.00 ? 9  U A "H2'"  1 
ATOM 54  H "HO2'" . U A 1 2  ? 0.052   -9.575  -5.788  1.00 0.00 ? 9  U A "HO2'" 1 
ATOM 55  H "H1'"  . U A 1 2  ? -0.650  -8.673  -8.472  1.00 0.00 ? 9  U A "H1'"  1 
ATOM 56  H H3     . U A 1 2  ? 1.125   -4.487  -8.496  1.00 0.00 ? 9  U A H3     1 
ATOM 57  H H5     . U A 1 2  ? -3.013  -3.821  -8.453  1.00 0.00 ? 9  U A H5     1 
ATOM 58  H H6     . U A 1 2  ? -3.323  -6.201  -8.096  1.00 0.00 ? 9  U A H6     1 
ATOM 59  P P      . A A 1 3  ? -2.685  -8.316  -3.324  1.00 0.00 ? 10 A A P      1 
ATOM 60  O OP1    . A A 1 3  ? -3.246  -9.141  -2.228  1.00 0.00 ? 10 A A OP1    1 
ATOM 61  O OP2    . A A 1 3  ? -3.077  -6.895  -3.461  1.00 0.00 ? 10 A A OP2    1 
ATOM 62  O "O5'"  . A A 1 3  ? -1.080  -8.387  -3.251  1.00 0.00 ? 10 A A "O5'"  1 
ATOM 63  C "C5'"  . A A 1 3  ? -0.363  -9.635  -3.305  1.00 0.00 ? 10 A A "C5'"  1 
ATOM 64  C "C4'"  . A A 1 3  ? 1.103   -9.364  -3.574  1.00 0.00 ? 10 A A "C4'"  1 
ATOM 65  O "O4'"  . A A 1 3  ? 1.313   -8.710  -4.842  1.00 0.00 ? 10 A A "O4'"  1 
ATOM 66  C "C3'"  . A A 1 3  ? 1.661   -8.450  -2.495  1.00 0.00 ? 10 A A "C3'"  1 
ATOM 67  O "O3'"  . A A 1 3  ? 2.134   -9.208  -1.371  1.00 0.00 ? 10 A A "O3'"  1 
ATOM 68  C "C2'"  . A A 1 3  ? 2.731   -7.692  -3.240  1.00 0.00 ? 10 A A "C2'"  1 
ATOM 69  O "O2'"  . A A 1 3  ? 3.949   -8.444  -3.291  1.00 0.00 ? 10 A A "O2'"  1 
ATOM 70  C "C1'"  . A A 1 3  ? 2.158   -7.567  -4.630  1.00 0.00 ? 10 A A "C1'"  1 
ATOM 71  N N9     . A A 1 3  ? 1.436   -6.280  -4.748  1.00 0.00 ? 10 A A N9     1 
ATOM 72  C C8     . A A 1 3  ? 0.097   -5.993  -4.639  1.00 0.00 ? 10 A A C8     1 
ATOM 73  N N7     . A A 1 3  ? -0.192  -4.737  -4.832  1.00 0.00 ? 10 A A N7     1 
ATOM 74  C C5     . A A 1 3  ? 1.042   -4.154  -5.081  1.00 0.00 ? 10 A A C5     1 
ATOM 75  C C6     . A A 1 3  ? 1.429   -2.844  -5.364  1.00 0.00 ? 10 A A C6     1 
ATOM 76  N N6     . A A 1 3  ? 0.572   -1.842  -5.461  1.00 0.00 ? 10 A A N6     1 
ATOM 77  N N1     . A A 1 3  ? 2.732   -2.610  -5.555  1.00 0.00 ? 10 A A N1     1 
ATOM 78  C C2     . A A 1 3  ? 3.599   -3.614  -5.474  1.00 0.00 ? 10 A A C2     1 
ATOM 79  N N3     . A A 1 3  ? 3.357   -4.885  -5.219  1.00 0.00 ? 10 A A N3     1 
ATOM 80  C C4     . A A 1 3  ? 2.036   -5.086  -5.030  1.00 0.00 ? 10 A A C4     1 
ATOM 81  H "H5'"  . A A 1 3  ? -0.756  -10.275 -4.096  1.00 0.00 ? 10 A A "H5'"  1 
ATOM 82  H "H5''" . A A 1 3  ? -0.460  -10.151 -2.349  1.00 0.00 ? 10 A A "H5''" 1 
ATOM 83  H "H4'"  . A A 1 3  ? 1.657   -10.304 -3.552  1.00 0.00 ? 10 A A "H4'"  1 
ATOM 84  H "H3'"  . A A 1 3  ? 0.901   -7.719  -2.213  1.00 0.00 ? 10 A A "H3'"  1 
ATOM 85  H "H2'"  . A A 1 3  ? 2.961   -6.708  -2.853  1.00 0.00 ? 10 A A "H2'"  1 
ATOM 86  H "HO2'" . A A 1 3  ? 4.558   -7.808  -2.902  1.00 0.00 ? 10 A A "HO2'" 1 
ATOM 87  H "H1'"  . A A 1 3  ? 2.979   -7.586  -5.345  1.00 0.00 ? 10 A A "H1'"  1 
ATOM 88  H H8     . A A 1 3  ? -0.657  -6.738  -4.401  1.00 0.00 ? 10 A A H8     1 
ATOM 89  H H61    . A A 1 3  ? 0.910   -0.903  -5.630  1.00 0.00 ? 10 A A H61    1 
ATOM 90  H H62    . A A 1 3  ? -0.413  -2.032  -5.367  1.00 0.00 ? 10 A A H62    1 
ATOM 91  H H2     . A A 1 3  ? 4.647   -3.357  -5.640  1.00 0.00 ? 10 A A H2     1 
ATOM 92  P P      . C A 1 4  ? 2.328   -8.499  0.061   1.00 0.00 ? 11 C A P      1 
ATOM 93  O OP1    . C A 1 4  ? 2.887   -9.477  1.019   1.00 0.00 ? 11 C A OP1    1 
ATOM 94  O OP2    . C A 1 4  ? 1.082   -7.767  0.385   1.00 0.00 ? 11 C A OP2    1 
ATOM 95  O "O5'"  . C A 1 4  ? 3.467   -7.405  -0.261  1.00 0.00 ? 11 C A "O5'"  1 
ATOM 96  C "C5'"  . C A 1 4  ? 4.850   -7.770  -0.402  1.00 0.00 ? 11 C A "C5'"  1 
ATOM 97  C "C4'"  . C A 1 4  ? 5.673   -6.565  -0.807  1.00 0.00 ? 11 C A "C4'"  1 
ATOM 98  O "O4'"  . C A 1 4  ? 5.282   -6.030  -2.090  1.00 0.00 ? 11 C A "O4'"  1 
ATOM 99  C "C3'"  . C A 1 4  ? 5.461   -5.421  0.178   1.00 0.00 ? 11 C A "C3'"  1 
ATOM 100 O "O3'"  . C A 1 4  ? 6.168   -5.564  1.416   1.00 0.00 ? 11 C A "O3'"  1 
ATOM 101 C "C2'"  . C A 1 4  ? 5.960   -4.270  -0.645  1.00 0.00 ? 11 C A "C2'"  1 
ATOM 102 O "O2'"  . C A 1 4  ? 7.397   -4.315  -0.750  1.00 0.00 ? 11 C A "O2'"  1 
ATOM 103 C "C1'"  . C A 1 4  ? 5.323   -4.588  -1.982  1.00 0.00 ? 11 C A "C1'"  1 
ATOM 104 N N1     . C A 1 4  ? 3.997   -3.928  -1.997  1.00 0.00 ? 11 C A N1     1 
ATOM 105 C C2     . C A 1 4  ? 3.938   -2.607  -2.413  1.00 0.00 ? 11 C A C2     1 
ATOM 106 O O2     . C A 1 4  ? 4.932   -1.985  -2.780  1.00 0.00 ? 11 C A O2     1 
ATOM 107 N N3     . C A 1 4  ? 2.739   -1.981  -2.405  1.00 0.00 ? 11 C A N3     1 
ATOM 108 C C4     . C A 1 4  ? 1.638   -2.616  -2.008  1.00 0.00 ? 11 C A C4     1 
ATOM 109 N N4     . C A 1 4  ? 0.504   -1.933  -2.015  1.00 0.00 ? 11 C A N4     1 
ATOM 110 C C5     . C A 1 4  ? 1.672   -3.976  -1.577  1.00 0.00 ? 11 C A C5     1 
ATOM 111 C C6     . C A 1 4  ? 2.870   -4.589  -1.588  1.00 0.00 ? 11 C A C6     1 
ATOM 112 H "H5'"  . C A 1 4  ? 4.971   -8.555  -1.150  1.00 0.00 ? 11 C A "H5'"  1 
ATOM 113 H "H5''" . C A 1 4  ? 5.216   -8.135  0.560   1.00 0.00 ? 11 C A "H5''" 1 
ATOM 114 H "H4'"  . C A 1 4  ? 6.735   -6.822  -0.818  1.00 0.00 ? 11 C A "H4'"  1 
ATOM 115 H "H3'"  . C A 1 4  ? 4.396   -5.276  0.365   1.00 0.00 ? 11 C A "H3'"  1 
ATOM 116 H "H2'"  . C A 1 4  ? 5.644   -3.296  -0.281  1.00 0.00 ? 11 C A "H2'"  1 
ATOM 117 H "HO2'" . C A 1 4  ? 7.662   -3.422  -0.515  1.00 0.00 ? 11 C A "HO2'" 1 
ATOM 118 H "H1'"  . C A 1 4  ? 5.953   -4.177  -2.771  1.00 0.00 ? 11 C A "H1'"  1 
ATOM 119 H H41    . C A 1 4  ? 0.545   -0.949  -2.254  1.00 0.00 ? 11 C A H41    1 
ATOM 120 H H42    . C A 1 4  ? -0.368  -2.388  -1.789  1.00 0.00 ? 11 C A H42    1 
ATOM 121 H H5     . C A 1 4  ? 0.780   -4.506  -1.253  1.00 0.00 ? 11 C A H5     1 
ATOM 122 H H6     . C A 1 4  ? 2.928   -5.623  -1.256  1.00 0.00 ? 11 C A H6     1 
ATOM 123 P P      . C A 1 5  ? 5.832   -4.578  2.647   1.00 0.00 ? 12 C A P      1 
ATOM 124 O OP1    . C A 1 5  ? 6.689   -4.984  3.782   1.00 0.00 ? 12 C A OP1    1 
ATOM 125 O OP2    . C A 1 5  ? 4.365   -4.492  2.826   1.00 0.00 ? 12 C A OP2    1 
ATOM 126 O "O5'"  . C A 1 5  ? 6.343   -3.152  2.106   1.00 0.00 ? 12 C A "O5'"  1 
ATOM 127 C "C5'"  . C A 1 5  ? 7.741   -2.899  1.899   1.00 0.00 ? 12 C A "C5'"  1 
ATOM 128 C "C4'"  . C A 1 5  ? 7.969   -1.467  1.460   1.00 0.00 ? 12 C A "C4'"  1 
ATOM 129 O "O4'"  . C A 1 5  ? 7.241   -1.170  0.255   1.00 0.00 ? 12 C A "O4'"  1 
ATOM 130 C "C3'"  . C A 1 5  ? 7.500   -0.472  2.523   1.00 0.00 ? 12 C A "C3'"  1 
ATOM 131 O "O3'"  . C A 1 5  ? 8.502   -0.372  3.550   1.00 0.00 ? 12 C A "O3'"  1 
ATOM 132 C "C2'"  . C A 1 5  ? 7.300   0.757   1.655   1.00 0.00 ? 12 C A "C2'"  1 
ATOM 133 O "O2'"  . C A 1 5  ? 8.592   1.328   1.404   1.00 0.00 ? 12 C A "O2'"  1 
ATOM 134 C "C1'"  . C A 1 5  ? 6.701   0.160   0.391   1.00 0.00 ? 12 C A "C1'"  1 
ATOM 135 N N1     . C A 1 5  ? 5.206   0.129   0.436   1.00 0.00 ? 12 C A N1     1 
ATOM 136 C C2     . C A 1 5  ? 4.533   1.288   0.093   1.00 0.00 ? 12 C A C2     1 
ATOM 137 O O2     . C A 1 5  ? 5.127   2.315   -0.216  1.00 0.00 ? 12 C A O2     1 
ATOM 138 N N3     . C A 1 5  ? 3.178   1.286   0.095   1.00 0.00 ? 12 C A N3     1 
ATOM 139 C C4     . C A 1 5  ? 2.487   0.194   0.420   1.00 0.00 ? 12 C A C4     1 
ATOM 140 N N4     . C A 1 5  ? 1.160   0.263   0.391   1.00 0.00 ? 12 C A N4     1 
ATOM 141 C C5     . C A 1 5  ? 3.160   -1.018  0.782   1.00 0.00 ? 12 C A C5     1 
ATOM 142 C C6     . C A 1 5  ? 4.511   -0.999  0.775   1.00 0.00 ? 12 C A C6     1 
ATOM 143 H "H5'"  . C A 1 5  ? 8.132   -3.575  1.140   1.00 0.00 ? 12 C A "H5'"  1 
ATOM 144 H "H5''" . C A 1 5  ? 8.285   -3.073  2.828   1.00 0.00 ? 12 C A "H5''" 1 
ATOM 145 H "H4'"  . C A 1 5  ? 9.036   -1.304  1.293   1.00 0.00 ? 12 C A "H4'"  1 
ATOM 146 H "H3'"  . C A 1 5  ? 6.533   -0.777  2.928   1.00 0.00 ? 12 C A "H3'"  1 
ATOM 147 H "H2'"  . C A 1 5  ? 6.663   1.534   2.073   1.00 0.00 ? 12 C A "H2'"  1 
ATOM 148 H "HO2'" . C A 1 5  ? 8.833   1.660   2.284   1.00 0.00 ? 12 C A "HO2'" 1 
ATOM 149 H "H1'"  . C A 1 5  ? 7.027   0.764   -0.454  1.00 0.00 ? 12 C A "H1'"  1 
ATOM 150 H H41    . C A 1 5  ? 0.705   1.143   0.162   1.00 0.00 ? 12 C A H41    1 
ATOM 151 H H42    . C A 1 5  ? 0.604   -0.553  0.600   1.00 0.00 ? 12 C A H42    1 
ATOM 152 H H5     . C A 1 5  ? 2.607   -1.917  1.051   1.00 0.00 ? 12 C A H5     1 
ATOM 153 H H6     . C A 1 5  ? 5.058   -1.903  1.048   1.00 0.00 ? 12 C A H6     1 
ATOM 154 P P      . C A 1 6  ? 8.599   0.765   4.698   1.00 0.00 ? 13 C A P      1 
ATOM 155 O OP1    . C A 1 6  ? 9.833   0.535   5.481   1.00 0.00 ? 13 C A OP1    1 
ATOM 156 O OP2    . C A 1 6  ? 7.292   0.844   5.385   1.00 0.00 ? 13 C A OP2    1 
ATOM 157 O "O5'"  . C A 1 6  ? 8.827   2.088   3.798   1.00 0.00 ? 13 C A "O5'"  1 
ATOM 158 C "C5'"  . C A 1 6  ? 8.807   3.459   4.225   1.00 0.00 ? 13 C A "C5'"  1 
ATOM 159 C "C4'"  . C A 1 6  ? 7.404   4.041   4.468   1.00 0.00 ? 13 C A "C4'"  1 
ATOM 160 O "O4'"  . C A 1 6  ? 6.529   3.704   3.369   1.00 0.00 ? 13 C A "O4'"  1 
ATOM 161 C "C3'"  . C A 1 6  ? 6.662   3.467   5.663   1.00 0.00 ? 13 C A "C3'"  1 
ATOM 162 O "O3'"  . C A 1 6  ? 7.116   3.897   6.958   1.00 0.00 ? 13 C A "O3'"  1 
ATOM 163 C "C2'"  . C A 1 6  ? 5.298   4.009   5.346   1.00 0.00 ? 13 C A "C2'"  1 
ATOM 164 O "O2'"  . C A 1 6  ? 5.221   5.412   5.570   1.00 0.00 ? 13 C A "O2'"  1 
ATOM 165 C "C1'"  . C A 1 6  ? 5.174   3.784   3.858   1.00 0.00 ? 13 C A "C1'"  1 
ATOM 166 N N1     . C A 1 6  ? 4.327   2.583   3.744   1.00 0.00 ? 13 C A N1     1 
ATOM 167 C C2     . C A 1 6  ? 2.973   2.776   3.531   1.00 0.00 ? 13 C A C2     1 
ATOM 168 O O2     . C A 1 6  ? 2.495   3.898   3.393   1.00 0.00 ? 13 C A O2     1 
ATOM 169 N N3     . C A 1 6  ? 2.170   1.689   3.474   1.00 0.00 ? 13 C A N3     1 
ATOM 170 C C4     . C A 1 6  ? 2.685   0.466   3.620   1.00 0.00 ? 13 C A C4     1 
ATOM 171 N N4     . C A 1 6  ? 1.871   -0.574  3.591   1.00 0.00 ? 13 C A N4     1 
ATOM 172 C C5     . C A 1 6  ? 4.077   0.245   3.833   1.00 0.00 ? 13 C A C5     1 
ATOM 173 C C6     . C A 1 6  ? 4.855   1.336   3.888   1.00 0.00 ? 13 C A C6     1 
ATOM 174 H "H5'"  . C A 1 6  ? 9.252   4.038   3.417   1.00 0.00 ? 13 C A "H5'"  1 
ATOM 175 H "H5''" . C A 1 6  ? 9.419   3.591   5.118   1.00 0.00 ? 13 C A "H5''" 1 
ATOM 176 H "H4'"  . C A 1 6  ? 7.468   5.122   4.588   1.00 0.00 ? 13 C A "H4'"  1 
ATOM 177 H "H3'"  . C A 1 6  ? 6.623   2.380   5.617   1.00 0.00 ? 13 C A "H3'"  1 
ATOM 178 H "H2'"  . C A 1 6  ? 4.496   3.538   5.915   1.00 0.00 ? 13 C A "H2'"  1 
ATOM 179 H "HO2'" . C A 1 6  ? 4.443   5.434   6.141   1.00 0.00 ? 13 C A "HO2'" 1 
ATOM 180 H "H1'"  . C A 1 6  ? 4.673   4.655   3.432   1.00 0.00 ? 13 C A "H1'"  1 
ATOM 181 H H41    . C A 1 6  ? 0.881   -0.418  3.465   1.00 0.00 ? 13 C A H41    1 
ATOM 182 H H42    . C A 1 6  ? 2.224   -1.514  3.701   1.00 0.00 ? 13 C A H42    1 
ATOM 183 H H5     . C A 1 6  ? 4.500   -0.752  3.944   1.00 0.00 ? 13 C A H5     1 
ATOM 184 H H6     . C A 1 6  ? 5.924   1.213   4.052   1.00 0.00 ? 13 C A H6     1 
ATOM 185 P P      . A A 1 7  ? 6.560   3.187   8.306   1.00 0.00 ? 14 A A P      1 
ATOM 186 O OP1    . A A 1 7  ? 7.388   3.653   9.441   1.00 0.00 ? 14 A A OP1    1 
ATOM 187 O OP2    . A A 1 7  ? 6.416   1.739   8.059   1.00 0.00 ? 14 A A OP2    1 
ATOM 188 O "O5'"  . A A 1 7  ? 5.089   3.772   8.478   1.00 0.00 ? 14 A A "O5'"  1 
ATOM 189 C "C5'"  . A A 1 7  ? 4.847   5.174   8.534   1.00 0.00 ? 14 A A "C5'"  1 
ATOM 190 C "C4'"  . A A 1 7  ? 3.396   5.428   8.242   1.00 0.00 ? 14 A A "C4'"  1 
ATOM 191 O "O4'"  . A A 1 7  ? 3.055   4.812   6.987   1.00 0.00 ? 14 A A "O4'"  1 
ATOM 192 C "C3'"  . A A 1 7  ? 2.465   4.867   9.305   1.00 0.00 ? 14 A A "C3'"  1 
ATOM 193 O "O3'"  . A A 1 7  ? 2.420   5.866   10.339  1.00 0.00 ? 14 A A "O3'"  1 
ATOM 194 C "C2'"  . A A 1 7  ? 1.208   4.618   8.467   1.00 0.00 ? 14 A A "C2'"  1 
ATOM 195 O "O2'"  . A A 1 7  ? 0.413   5.806   8.424   1.00 0.00 ? 14 A A "O2'"  1 
ATOM 196 C "C1'"  . A A 1 7  ? 1.710   4.329   7.060   1.00 0.00 ? 14 A A "C1'"  1 
ATOM 197 N N9     . A A 1 7  ? 1.614   2.885   6.735   1.00 0.00 ? 14 A A N9     1 
ATOM 198 C C8     . A A 1 7  ? 2.497   1.842   6.887   1.00 0.00 ? 14 A A C8     1 
ATOM 199 N N7     . A A 1 7  ? 2.022   0.691   6.464   1.00 0.00 ? 14 A A N7     1 
ATOM 200 C C5     . A A 1 7  ? 0.743   1.005   6.004   1.00 0.00 ? 14 A A C5     1 
ATOM 201 C C6     . A A 1 7  ? -0.305  0.255   5.424   1.00 0.00 ? 14 A A C6     1 
ATOM 202 N N6     . A A 1 7  ? -0.313  -1.048  5.157   1.00 0.00 ? 14 A A N6     1 
ATOM 203 N N1     . A A 1 7  ? -1.424  0.902   5.098   1.00 0.00 ? 14 A A N1     1 
ATOM 204 C C2     . A A 1 7  ? -1.522  2.209   5.319   1.00 0.00 ? 14 A A C2     1 
ATOM 205 N N3     . A A 1 7  ? -0.618  3.013   5.847   1.00 0.00 ? 14 A A N3     1 
ATOM 206 C C4     . A A 1 7  ? 0.502   2.335   6.170   1.00 0.00 ? 14 A A C4     1 
ATOM 207 H "H5'"  . A A 1 7  ? 5.448   5.683   7.778   1.00 0.00 ? 14 A A "H5'"  1 
ATOM 208 H "H5''" . A A 1 7  ? 5.093   5.573   9.520   1.00 0.00 ? 14 A A "H5''" 1 
ATOM 209 H "H4'"  . A A 1 7  ? 3.249   6.507   8.236   1.00 0.00 ? 14 A A "H4'"  1 
ATOM 210 H "H3'"  . A A 1 7  ? 2.826   3.903   9.666   1.00 0.00 ? 14 A A "H3'"  1 
ATOM 211 H "H2'"  . A A 1 7  ? 0.584   3.811   8.846   1.00 0.00 ? 14 A A "H2'"  1 
ATOM 212 H "HO2'" . A A 1 7  ? 0.166   5.897   9.354   1.00 0.00 ? 14 A A "HO2'" 1 
ATOM 213 H "H1'"  . A A 1 7  ? 1.082   4.879   6.359   1.00 0.00 ? 14 A A "H1'"  1 
ATOM 214 H H8     . A A 1 7  ? 3.494   1.971   7.310   1.00 0.00 ? 14 A A H8     1 
ATOM 215 H H61    . A A 1 7  ? -1.255  -0.780  4.903   1.00 0.00 ? 14 A A H61    1 
ATOM 216 H H62    . A A 1 7  ? -0.677  -1.945  4.859   1.00 0.00 ? 14 A A H62    1 
ATOM 217 H H2     . A A 1 7  ? -2.465  2.678   5.032   1.00 0.00 ? 14 A A H2     1 
ATOM 218 P P      . A A 1 8  ? 1.528   5.943   11.676  1.00 0.00 ? 15 A A P      1 
ATOM 219 O OP1    . A A 1 8  ? 1.641   7.317   12.213  1.00 0.00 ? 15 A A OP1    1 
ATOM 220 O OP2    . A A 1 8  ? 1.838   4.785   12.547  1.00 0.00 ? 15 A A OP2    1 
ATOM 221 O "O5'"  . A A 1 8  ? 0.037   5.749   11.072  1.00 0.00 ? 15 A A "O5'"  1 
ATOM 222 C "C5'"  . A A 1 8  ? -0.721  4.600   11.479  1.00 0.00 ? 15 A A "C5'"  1 
ATOM 223 C "C4'"  . A A 1 8  ? -1.929  4.293   10.610  1.00 0.00 ? 15 A A "C4'"  1 
ATOM 224 O "O4'"  . A A 1 8  ? -1.587  3.851   9.279   1.00 0.00 ? 15 A A "O4'"  1 
ATOM 225 C "C3'"  . A A 1 8  ? -2.709  3.120   11.193  1.00 0.00 ? 15 A A "C3'"  1 
ATOM 226 O "O3'"  . A A 1 8  ? -3.425  3.479   12.395  1.00 0.00 ? 15 A A "O3'"  1 
ATOM 227 C "C2'"  . A A 1 8  ? -3.594  2.797   10.005  1.00 0.00 ? 15 A A "C2'"  1 
ATOM 228 O "O2'"  . A A 1 8  ? -4.559  3.846   9.809   1.00 0.00 ? 15 A A "O2'"  1 
ATOM 229 C "C1'"  . A A 1 8  ? -2.554  2.855   8.883   1.00 0.00 ? 15 A A "C1'"  1 
ATOM 230 N N9     . A A 1 8  ? -1.899  1.537   8.665   1.00 0.00 ? 15 A A N9     1 
ATOM 231 C C8     . A A 1 8  ? -0.608  1.152   8.929   1.00 0.00 ? 15 A A C8     1 
ATOM 232 N N7     . A A 1 8  ? -0.336  -0.081  8.596   1.00 0.00 ? 15 A A N7     1 
ATOM 233 C C5     . A A 1 8  ? -1.545  -0.550  8.072   1.00 0.00 ? 15 A A C5     1 
ATOM 234 C C6     . A A 1 8  ? -1.952  -1.785  7.530   1.00 0.00 ? 15 A A C6     1 
ATOM 235 N N6     . A A 1 8  ? -1.186  -2.857  7.384   1.00 0.00 ? 15 A A N6     1 
ATOM 236 N N1     . A A 1 8  ? -3.215  -1.887  7.114   1.00 0.00 ? 15 A A N1     1 
ATOM 237 C C2     . A A 1 8  ? -4.037  -0.859  7.214   1.00 0.00 ? 15 A A C2     1 
ATOM 238 N N3     . A A 1 8  ? -3.776  0.346   7.696   1.00 0.00 ? 15 A A N3     1 
ATOM 239 C C4     . A A 1 8  ? -2.495  0.432   8.114   1.00 0.00 ? 15 A A C4     1 
ATOM 240 H "H5'"  . A A 1 8  ? -1.071  4.782   12.497  1.00 0.00 ? 15 A A "H5'"  1 
ATOM 241 H "H5''" . A A 1 8  ? -0.078  3.718   11.484  1.00 0.00 ? 15 A A "H5''" 1 
ATOM 242 H "H4'"  . A A 1 8  ? -2.576  5.169   10.556  1.00 0.00 ? 15 A A "H4'"  1 
ATOM 243 H "H3'"  . A A 1 8  ? -2.032  2.281   11.359  1.00 0.00 ? 15 A A "H3'"  1 
ATOM 244 H "H2'"  . A A 1 8  ? -4.101  1.832   10.034  1.00 0.00 ? 15 A A "H2'"  1 
ATOM 245 H "HO2'" . A A 1 8  ? -4.836  4.146   10.679  1.00 0.00 ? 15 A A "HO2'" 1 
ATOM 246 H "H1'"  . A A 1 8  ? -3.037  3.178   7.960   1.00 0.00 ? 15 A A "H1'"  1 
ATOM 247 H H8     . A A 1 8  ? 0.131   1.813   9.380   1.00 0.00 ? 15 A A H8     1 
ATOM 248 H H61    . A A 1 8  ? -1.610  -3.670  6.966   1.00 0.00 ? 15 A A H61    1 
ATOM 249 H H62    . A A 1 8  ? -0.223  -2.860  7.682   1.00 0.00 ? 15 A A H62    1 
ATOM 250 H H2     . A A 1 8  ? -5.053  -1.037  6.859   1.00 0.00 ? 15 A A H2     1 
ATOM 251 P P      . G A 1 9  ? -2.955  2.952   13.859  1.00 0.00 ? 16 G A P      1 
ATOM 252 O OP1    . G A 1 9  ? -3.843  3.534   14.889  1.00 0.00 ? 16 G A OP1    1 
ATOM 253 O OP2    . G A 1 9  ? -1.493  3.133   13.972  1.00 0.00 ? 16 G A OP2    1 
ATOM 254 O "O5'"  . G A 1 9  ? -3.265  1.371   13.748  1.00 0.00 ? 16 G A "O5'"  1 
ATOM 255 C "C5'"  . G A 1 9  ? -2.252  0.348   13.732  1.00 0.00 ? 16 G A "C5'"  1 
ATOM 256 C "C4'"  . G A 1 9  ? -2.687  -0.911  12.967  1.00 0.00 ? 16 G A "C4'"  1 
ATOM 257 O "O4'"  . G A 1 9  ? -3.918  -1.433  13.514  1.00 0.00 ? 16 G A "O4'"  1 
ATOM 258 C "C3'"  . G A 1 9  ? -2.945  -0.649  11.474  1.00 0.00 ? 16 G A "C3'"  1 
ATOM 259 O "O3'"  . G A 1 9  ? -2.519  -1.762  10.617  1.00 0.00 ? 16 G A "O3'"  1 
ATOM 260 C "C2'"  . G A 1 9  ? -4.444  -0.375  11.488  1.00 0.00 ? 16 G A "C2'"  1 
ATOM 261 O "O2'"  . G A 1 9  ? -5.059  -0.667  10.221  1.00 0.00 ? 16 G A "O2'"  1 
ATOM 262 C "C1'"  . G A 1 9  ? -4.897  -1.421  12.468  1.00 0.00 ? 16 G A "C1'"  1 
ATOM 263 N N9     . G A 1 9  ? -6.263  -1.121  12.965  1.00 0.00 ? 16 G A N9     1 
ATOM 264 C C8     . G A 1 9  ? -7.374  -1.848  12.668  1.00 0.00 ? 16 G A C8     1 
ATOM 265 N N7     . G A 1 9  ? -8.466  -1.414  13.226  1.00 0.00 ? 16 G A N7     1 
ATOM 266 C C5     . G A 1 9  ? -8.048  -0.305  13.951  1.00 0.00 ? 16 G A C5     1 
ATOM 267 C C6     . G A 1 9  ? -8.801  0.583   14.768  1.00 0.00 ? 16 G A C6     1 
ATOM 268 O O6     . G A 1 9  ? -10.001 0.572   15.019  1.00 0.00 ? 16 G A O6     1 
ATOM 269 N N1     . G A 1 9  ? -8.021  1.569   15.324  1.00 0.00 ? 16 G A N1     1 
ATOM 270 C C2     . G A 1 9  ? -6.676  1.704   15.127  1.00 0.00 ? 16 G A C2     1 
ATOM 271 N N2     . G A 1 9  ? -6.088  2.724   15.719  1.00 0.00 ? 16 G A N2     1 
ATOM 272 N N3     . G A 1 9  ? -5.953  0.878   14.363  1.00 0.00 ? 16 G A N3     1 
ATOM 273 C C4     . G A 1 9  ? -6.699  -0.106  13.803  1.00 0.00 ? 16 G A C4     1 
ATOM 274 H "H5'"  . G A 1 9  ? -2.052  0.058   14.765  1.00 0.00 ? 16 G A "H5'"  1 
ATOM 275 H "H5''" . G A 1 9  ? -1.329  0.730   13.293  1.00 0.00 ? 16 G A "H5''" 1 
ATOM 276 H "H4'"  . G A 1 9  ? -1.907  -1.664  13.069  1.00 0.00 ? 16 G A "H4'"  1 
ATOM 277 H "H3'"  . G A 1 9  ? -2.372  0.215   11.144  1.00 0.00 ? 16 G A "H3'"  1 
ATOM 278 H "H2'"  . G A 1 9  ? -4.655  0.624   11.867  1.00 0.00 ? 16 G A "H2'"  1 
ATOM 279 H "HO2'" . G A 1 9  ? -4.377  -0.878  9.582   1.00 0.00 ? 16 G A "HO2'" 1 
ATOM 280 H "H1'"  . G A 1 9  ? -4.908  -2.380  11.940  1.00 0.00 ? 16 G A "H1'"  1 
ATOM 281 H H8     . G A 1 9  ? -7.327  -2.708  11.994  1.00 0.00 ? 16 G A H8     1 
ATOM 282 H H1     . G A 1 9  ? -8.510  2.222   15.912  1.00 0.00 ? 16 G A H1     1 
ATOM 283 H H21    . G A 1 9  ? -6.552  3.284   16.413  1.00 0.00 ? 16 G A H21    1 
ATOM 284 H H22    . G A 1 9  ? -5.128  2.916   15.433  1.00 0.00 ? 16 G A H22    1 
ATOM 285 P P      . U A 1 10 ? -2.571  -3.391  10.800  1.00 0.00 ? 17 U A P      1 
ATOM 286 O OP1    . U A 1 10 ? -2.265  -3.728  12.204  1.00 0.00 ? 17 U A OP1    1 
ATOM 287 O OP2    . U A 1 10 ? -1.772  -3.997  9.708   1.00 0.00 ? 17 U A OP2    1 
ATOM 288 O "O5'"  . U A 1 10 ? -4.140  -3.722  10.559  1.00 0.00 ? 17 U A "O5'"  1 
ATOM 289 C "C5'"  . U A 1 10 ? -4.776  -3.667  9.271   1.00 0.00 ? 17 U A "C5'"  1 
ATOM 290 C "C4'"  . U A 1 10 ? -6.168  -4.306  9.284   1.00 0.00 ? 17 U A "C4'"  1 
ATOM 291 O "O4'"  . U A 1 10 ? -7.040  -3.653  10.223  1.00 0.00 ? 17 U A "O4'"  1 
ATOM 292 C "C3'"  . U A 1 10 ? -6.870  -4.184  7.922   1.00 0.00 ? 17 U A "C3'"  1 
ATOM 293 O "O3'"  . U A 1 10 ? -6.721  -5.374  7.116   1.00 0.00 ? 17 U A "O3'"  1 
ATOM 294 C "C2'"  . U A 1 10 ? -8.312  -3.886  8.316   1.00 0.00 ? 17 U A "C2'"  1 
ATOM 295 O "O2'"  . U A 1 10 ? -9.216  -4.856  7.760   1.00 0.00 ? 17 U A "O2'"  1 
ATOM 296 C "C1'"  . U A 1 10 ? -8.372  -3.990  9.816   1.00 0.00 ? 17 U A "C1'"  1 
ATOM 297 N N1     . U A 1 10 ? -9.373  -3.042  10.341  1.00 0.00 ? 17 U A N1     1 
ATOM 298 C C2     . U A 1 10 ? -10.514 -3.546  10.943  1.00 0.00 ? 17 U A C2     1 
ATOM 299 O O2     . U A 1 10 ? -10.752 -4.742  11.077  1.00 0.00 ? 17 U A O2     1 
ATOM 300 N N3     . U A 1 10 ? -11.400 -2.606  11.403  1.00 0.00 ? 17 U A N3     1 
ATOM 301 C C4     . U A 1 10 ? -11.264 -1.237  11.324  1.00 0.00 ? 17 U A C4     1 
ATOM 302 O O4     . U A 1 10 ? -12.140 -0.510  11.775  1.00 0.00 ? 17 U A O4     1 
ATOM 303 C C5     . U A 1 10 ? -10.054 -0.795  10.687  1.00 0.00 ? 17 U A C5     1 
ATOM 304 C C6     . U A 1 10 ? -9.161  -1.691  10.223  1.00 0.00 ? 17 U A C6     1 
ATOM 305 H "H5'"  . U A 1 10 ? -4.159  -4.178  8.532   1.00 0.00 ? 17 U A "H5'"  1 
ATOM 306 H "H5''" . U A 1 10 ? -4.887  -2.623  8.982   1.00 0.00 ? 17 U A "H5''" 1 
ATOM 307 H "H4'"  . U A 1 10 ? -6.070  -5.356  9.555   1.00 0.00 ? 17 U A "H4'"  1 
ATOM 308 H "H3'"  . U A 1 10 ? -6.519  -3.288  7.407   1.00 0.00 ? 17 U A "H3'"  1 
ATOM 309 H "H2'"  . U A 1 10 ? -8.530  -2.865  8.019   1.00 0.00 ? 17 U A "H2'"  1 
ATOM 310 H "HO2'" . U A 1 10 ? -9.308  -4.541  6.847   1.00 0.00 ? 17 U A "HO2'" 1 
ATOM 311 H "H1'"  . U A 1 10 ? -8.613  -5.018  10.091  1.00 0.00 ? 17 U A "H1'"  1 
ATOM 312 H H3     . U A 1 10 ? -12.228 -2.961  11.843  1.00 0.00 ? 17 U A H3     1 
ATOM 313 H H5     . U A 1 10 ? -9.857  0.270   10.579  1.00 0.00 ? 17 U A H5     1 
ATOM 314 H H6     . U A 1 10 ? -8.251  -1.323  9.743   1.00 0.00 ? 17 U A H6     1 
ATOM 315 P P      . U A 1 11 ? -5.864  -5.369  5.730   1.00 0.00 ? 18 U A P      1 
ATOM 316 O OP1    . U A 1 11 ? -5.721  -6.772  5.274   1.00 0.00 ? 18 U A OP1    1 
ATOM 317 O OP2    . U A 1 11 ? -4.654  -4.542  5.956   1.00 0.00 ? 18 U A OP2    1 
ATOM 318 O "O5'"  . U A 1 11 ? -6.798  -4.600  4.663   1.00 0.00 ? 18 U A "O5'"  1 
ATOM 319 C "C5'"  . U A 1 11 ? -8.074  -5.101  4.231   1.00 0.00 ? 18 U A "C5'"  1 
ATOM 320 C "C4'"  . U A 1 11 ? -9.131  -4.017  4.335   1.00 0.00 ? 18 U A "C4'"  1 
ATOM 321 O "O4'"  . U A 1 11 ? -9.120  -3.465  5.657   1.00 0.00 ? 18 U A "O4'"  1 
ATOM 322 C "C3'"  . U A 1 11 ? -8.868  -2.793  3.470   1.00 0.00 ? 18 U A "C3'"  1 
ATOM 323 O "O3'"  . U A 1 11 ? -9.217  -2.937  2.080   1.00 0.00 ? 18 U A "O3'"  1 
ATOM 324 C "C2'"  . U A 1 11 ? -9.786  -1.793  4.146   1.00 0.00 ? 18 U A "C2'"  1 
ATOM 325 O "O2'"  . U A 1 11 ? -11.086 -1.898  3.567   1.00 0.00 ? 18 U A "O2'"  1 
ATOM 326 C "C1'"  . U A 1 11 ? -9.843  -2.230  5.596   1.00 0.00 ? 18 U A "C1'"  1 
ATOM 327 N N1     . U A 1 11 ? -9.310  -1.097  6.392   1.00 0.00 ? 18 U A N1     1 
ATOM 328 C C2     . U A 1 11 ? -10.252 -0.306  7.019   1.00 0.00 ? 18 U A C2     1 
ATOM 329 O O2     . U A 1 11 ? -11.463 -0.507  6.983   1.00 0.00 ? 18 U A O2     1 
ATOM 330 N N3     . U A 1 11 ? -9.772  0.754   7.727   1.00 0.00 ? 18 U A N3     1 
ATOM 331 C C4     . U A 1 11 ? -8.459  1.123   7.890   1.00 0.00 ? 18 U A C4     1 
ATOM 332 O O4     . U A 1 11 ? -8.185  2.113   8.563   1.00 0.00 ? 18 U A O4     1 
ATOM 333 C C5     . U A 1 11 ? -7.529  0.250   7.208   1.00 0.00 ? 18 U A C5     1 
ATOM 334 C C6     . U A 1 11 ? -7.969  -0.815  6.493   1.00 0.00 ? 18 U A C6     1 
ATOM 335 H "H5'"  . U A 1 11 ? -8.385  -5.943  4.852   1.00 0.00 ? 18 U A "H5'"  1 
ATOM 336 H "H5''" . U A 1 11 ? -8.008  -5.436  3.196   1.00 0.00 ? 18 U A "H5''" 1 
ATOM 337 H "H4'"  . U A 1 11 ? -10.112 -4.433  4.094   1.00 0.00 ? 18 U A "H4'"  1 
ATOM 338 H "H3'"  . U A 1 11 ? -7.830  -2.520  3.628   1.00 0.00 ? 18 U A "H3'"  1 
ATOM 339 H "H2'"  . U A 1 11 ? -9.399  -0.775  4.062   1.00 0.00 ? 18 U A "H2'"  1 
ATOM 340 H "HO2'" . U A 1 11 ? -10.899 -1.936  2.627   1.00 0.00 ? 18 U A "HO2'" 1 
ATOM 341 H "H1'"  . U A 1 11 ? -10.873 -2.427  5.886   1.00 0.00 ? 18 U A "H1'"  1 
ATOM 342 H H3     . U A 1 11 ? -10.460 1.326   8.179   1.00 0.00 ? 18 U A H3     1 
ATOM 343 H H5     . U A 1 11 ? -6.465  0.454   7.267   1.00 0.00 ? 18 U A H5     1 
ATOM 344 H H6     . U A 1 11 ? -7.248  -1.460  5.988   1.00 0.00 ? 18 U A H6     1 
ATOM 345 P P      . U A 1 12 ? -8.516  -2.222  0.796   1.00 0.00 ? 19 U A P      1 
ATOM 346 O OP1    . U A 1 12 ? -9.403  -2.479  -0.358  1.00 0.00 ? 19 U A OP1    1 
ATOM 347 O OP2    . U A 1 12 ? -7.101  -2.657  0.742   1.00 0.00 ? 19 U A OP2    1 
ATOM 348 O "O5'"  . U A 1 12 ? -8.520  -0.640  1.116   1.00 0.00 ? 19 U A "O5'"  1 
ATOM 349 C "C5'"  . U A 1 12 ? -9.646  0.167   1.503   1.00 0.00 ? 19 U A "C5'"  1 
ATOM 350 C "C4'"  . U A 1 12 ? -9.168  1.252   2.466   1.00 0.00 ? 19 U A "C4'"  1 
ATOM 351 O "O4'"  . U A 1 12 ? -8.584  0.701   3.665   1.00 0.00 ? 19 U A "O4'"  1 
ATOM 352 C "C3'"  . U A 1 12 ? -8.098  2.108   1.799   1.00 0.00 ? 19 U A "C3'"  1 
ATOM 353 O "O3'"  . U A 1 12 ? -8.707  3.201   1.113   1.00 0.00 ? 19 U A "O3'"  1 
ATOM 354 C "C2'"  . U A 1 12 ? -7.220  2.511   2.969   1.00 0.00 ? 19 U A "C2'"  1 
ATOM 355 O "O2'"  . U A 1 12 ? -7.693  3.733   3.544   1.00 0.00 ? 19 U A "O2'"  1 
ATOM 356 C "C1'"  . U A 1 12 ? -7.365  1.404   3.976   1.00 0.00 ? 19 U A "C1'"  1 
ATOM 357 N N1     . U A 1 12 ? -6.173  0.522   3.934   1.00 0.00 ? 19 U A N1     1 
ATOM 358 C C2     . U A 1 12 ? -5.030  0.944   4.583   1.00 0.00 ? 19 U A C2     1 
ATOM 359 O O2     . U A 1 12 ? -4.928  2.016   5.173   1.00 0.00 ? 19 U A O2     1 
ATOM 360 N N3     . U A 1 12 ? -3.962  0.089   4.533   1.00 0.00 ? 19 U A N3     1 
ATOM 361 C C4     . U A 1 12 ? -3.912  -1.133  3.915   1.00 0.00 ? 19 U A C4     1 
ATOM 362 O O4     . U A 1 12 ? -2.879  -1.788  3.970   1.00 0.00 ? 19 U A O4     1 
ATOM 363 C C5     . U A 1 12 ? -5.140  -1.503  3.258   1.00 0.00 ? 19 U A C5     1 
ATOM 364 C C6     . U A 1 12 ? -6.207  -0.676  3.287   1.00 0.00 ? 19 U A C6     1 
ATOM 365 H "H5'"  . U A 1 12 ? -10.426 -0.421  1.981   1.00 0.00 ? 19 U A "H5'"  1 
ATOM 366 H "H5''" . U A 1 12 ? -10.066 0.642   0.615   1.00 0.00 ? 19 U A "H5''" 1 
ATOM 367 H "H4'"  . U A 1 12 ? -10.002 1.902   2.733   1.00 0.00 ? 19 U A "H4'"  1 
ATOM 368 H "H3'"  . U A 1 12 ? -7.497  1.475   1.147   1.00 0.00 ? 19 U A "H3'"  1 
ATOM 369 H "H2'"  . U A 1 12 ? -6.177  2.644   2.697   1.00 0.00 ? 19 U A "H2'"  1 
ATOM 370 H "HO2'" . U A 1 12 ? -7.339  4.352   2.898   1.00 0.00 ? 19 U A "HO2'" 1 
ATOM 371 H "H1'"  . U A 1 12 ? -7.463  1.844   4.969   1.00 0.00 ? 19 U A "H1'"  1 
ATOM 372 H H3     . U A 1 12 ? -3.113  0.381   4.988   1.00 0.00 ? 19 U A H3     1 
ATOM 373 H H5     . U A 1 12 ? -5.201  -2.459  2.737   1.00 0.00 ? 19 U A H5     1 
ATOM 374 H H6     . U A 1 12 ? -7.130  -0.938  2.779   1.00 0.00 ? 19 U A H6     1 
ATOM 375 P P      . G A 1 13 ? -8.346  3.773   -0.349  1.00 0.00 ? 20 G A P      1 
ATOM 376 O OP1    . G A 1 13 ? -9.336  3.216   -1.299  1.00 0.00 ? 20 G A OP1    1 
ATOM 377 O OP2    . G A 1 13 ? -6.896  3.623   -0.617  1.00 0.00 ? 20 G A OP2    1 
ATOM 378 O "O5'"  . G A 1 13 ? -8.685  5.328   -0.101  1.00 0.00 ? 20 G A "O5'"  1 
ATOM 379 C "C5'"  . G A 1 13 ? -8.241  6.092   1.042   1.00 0.00 ? 20 G A "C5'"  1 
ATOM 380 C "C4'"  . G A 1 13 ? -6.712  6.170   1.223   1.00 0.00 ? 20 G A "C4'"  1 
ATOM 381 O "O4'"  . G A 1 13 ? -6.094  4.920   1.585   1.00 0.00 ? 20 G A "O4'"  1 
ATOM 382 C "C3'"  . G A 1 13 ? -6.062  6.615   -0.090  1.00 0.00 ? 20 G A "C3'"  1 
ATOM 383 O "O3'"  . G A 1 13 ? -5.678  8.001   -0.062  1.00 0.00 ? 20 G A "O3'"  1 
ATOM 384 C "C2'"  . G A 1 13 ? -4.860  5.665   -0.224  1.00 0.00 ? 20 G A "C2'"  1 
ATOM 385 O "O2'"  . G A 1 13 ? -3.761  6.501   -0.604  1.00 0.00 ? 20 G A "O2'"  1 
ATOM 386 C "C1'"  . G A 1 13 ? -4.713  5.084   1.188   1.00 0.00 ? 20 G A "C1'"  1 
ATOM 387 N N9     . G A 1 13 ? -3.998  3.771   1.229   1.00 0.00 ? 20 G A N9     1 
ATOM 388 C C8     . G A 1 13 ? -4.415  2.550   0.768   1.00 0.00 ? 20 G A C8     1 
ATOM 389 N N7     . G A 1 13 ? -3.561  1.579   0.959   1.00 0.00 ? 20 G A N7     1 
ATOM 390 C C5     . G A 1 13 ? -2.487  2.195   1.597   1.00 0.00 ? 20 G A C5     1 
ATOM 391 C C6     . G A 1 13 ? -1.245  1.649   2.062   1.00 0.00 ? 20 G A C6     1 
ATOM 392 O O6     . G A 1 13 ? -0.820  0.496   2.028   1.00 0.00 ? 20 G A O6     1 
ATOM 393 N N1     . G A 1 13 ? -0.449  2.613   2.638   1.00 0.00 ? 20 G A N1     1 
ATOM 394 C C2     . G A 1 13 ? -0.799  3.936   2.761   1.00 0.00 ? 20 G A C2     1 
ATOM 395 N N2     . G A 1 13 ? 0.069   4.722   3.365   1.00 0.00 ? 20 G A N2     1 
ATOM 396 N N3     . G A 1 13 ? -1.943  4.457   2.339   1.00 0.00 ? 20 G A N3     1 
ATOM 397 C C4     . G A 1 13 ? -2.745  3.533   1.764   1.00 0.00 ? 20 G A C4     1 
ATOM 398 H "H5'"  . G A 1 13 ? -8.688  5.696   1.954   1.00 0.00 ? 20 G A "H5'"  1 
ATOM 399 H "H5''" . G A 1 13 ? -8.609  7.108   0.900   1.00 0.00 ? 20 G A "H5''" 1 
ATOM 400 H "H4'"  . G A 1 13 ? -6.481  6.918   1.982   1.00 0.00 ? 20 G A "H4'"  1 
ATOM 401 H "H3'"  . G A 1 13 ? -6.715  6.403   -0.936  1.00 0.00 ? 20 G A "H3'"  1 
ATOM 402 H "H2'"  . G A 1 13 ? -5.098  4.894   -0.957  1.00 0.00 ? 20 G A "H2'"  1 
ATOM 403 H "HO2'" . G A 1 13 ? -4.166  7.382   -0.613  1.00 0.00 ? 20 G A "HO2'" 1 
ATOM 404 H "H1'"  . G A 1 13 ? -4.204  5.806   1.827   1.00 0.00 ? 20 G A "H1'"  1 
ATOM 405 H H8     . G A 1 13 ? -5.376  2.404   0.275   1.00 0.00 ? 20 G A H8     1 
ATOM 406 H H1     . G A 1 13 ? 0.453   2.285   2.975   1.00 0.00 ? 20 G A H1     1 
ATOM 407 H H21    . G A 1 13 ? 1.027   4.410   3.490   1.00 0.00 ? 20 G A H21    1 
ATOM 408 H H22    . G A 1 13 ? -0.240  5.620   3.703   1.00 0.00 ? 20 G A H22    1 
ATOM 409 P P      . A A 1 14 ? -6.661  9.281   -0.246  1.00 0.00 ? 21 A A P      1 
ATOM 410 O OP1    . A A 1 14 ? -7.765  9.199   0.736   1.00 0.00 ? 21 A A OP1    1 
ATOM 411 O OP2    . A A 1 14 ? -6.956  9.481   -1.683  1.00 0.00 ? 21 A A OP2    1 
ATOM 412 O "O5'"  . A A 1 14 ? -5.630  10.430  0.234   1.00 0.00 ? 21 A A "O5'"  1 
ATOM 413 C "C5'"  . A A 1 14 ? -5.062  10.364  1.555   1.00 0.00 ? 21 A A "C5'"  1 
ATOM 414 C "C4'"  . A A 1 14 ? -3.574  10.689  1.604   1.00 0.00 ? 21 A A "C4'"  1 
ATOM 415 O "O4'"  . A A 1 14 ? -3.106  10.420  2.936   1.00 0.00 ? 21 A A "O4'"  1 
ATOM 416 C "C3'"  . A A 1 14 ? -2.678  9.815   0.721   1.00 0.00 ? 21 A A "C3'"  1 
ATOM 417 O "O3'"  . A A 1 14 ? -2.435  10.291  -0.607  1.00 0.00 ? 21 A A "O3'"  1 
ATOM 418 C "C2'"  . A A 1 14 ? -1.353  9.819   1.474   1.00 0.00 ? 21 A A "C2'"  1 
ATOM 419 O "O2'"  . A A 1 14 ? -0.436  10.747  0.885   1.00 0.00 ? 21 A A "O2'"  1 
ATOM 420 C "C1'"  . A A 1 14 ? -1.679  10.322  2.866   1.00 0.00 ? 21 A A "C1'"  1 
ATOM 421 N N9     . A A 1 14 ? -1.112  9.385   3.839   1.00 0.00 ? 21 A A N9     1 
ATOM 422 C C8     . A A 1 14 ? -1.734  8.368   4.515   1.00 0.00 ? 21 A A C8     1 
ATOM 423 N N7     . A A 1 14 ? -0.939  7.694   5.296   1.00 0.00 ? 21 A A N7     1 
ATOM 424 C C5     . A A 1 14 ? 0.297   8.318   5.119   1.00 0.00 ? 21 A A C5     1 
ATOM 425 C C6     . A A 1 14 ? 1.565   8.091   5.659   1.00 0.00 ? 21 A A C6     1 
ATOM 426 N N6     . A A 1 14 ? 1.834   7.153   6.535   1.00 0.00 ? 21 A A N6     1 
ATOM 427 N N1     . A A 1 14 ? 2.576   8.880   5.280   1.00 0.00 ? 21 A A N1     1 
ATOM 428 C C2     . A A 1 14 ? 2.347   9.850   4.407   1.00 0.00 ? 21 A A C2     1 
ATOM 429 N N3     . A A 1 14 ? 1.201   10.173  3.824   1.00 0.00 ? 21 A A N3     1 
ATOM 430 C C4     . A A 1 14 ? 0.201   9.349   4.234   1.00 0.00 ? 21 A A C4     1 
ATOM 431 H "H5'"  . A A 1 14 ? -5.180  9.359   1.965   1.00 0.00 ? 21 A A "H5'"  1 
ATOM 432 H "H5''" . A A 1 14 ? -5.586  11.063  2.207   1.00 0.00 ? 21 A A "H5''" 1 
ATOM 433 H "H4'"  . A A 1 14 ? -3.409  11.737  1.346   1.00 0.00 ? 21 A A "H4'"  1 
ATOM 434 H "H3'"  . A A 1 14 ? -3.041  8.787   0.737   1.00 0.00 ? 21 A A "H3'"  1 
ATOM 435 H "H2'"  . A A 1 14 ? -0.939  8.810   1.491   1.00 0.00 ? 21 A A "H2'"  1 
ATOM 436 H "HO2'" . A A 1 14 ? -0.263  10.389  -0.003  1.00 0.00 ? 21 A A "HO2'" 1 
ATOM 437 H "H1'"  . A A 1 14 ? -1.231  11.309  2.984   1.00 0.00 ? 21 A A "H1'"  1 
ATOM 438 H H8     . A A 1 14 ? -2.796  8.157   4.400   1.00 0.00 ? 21 A A H8     1 
ATOM 439 H H61    . A A 1 14 ? 2.795   6.865   6.621   1.00 0.00 ? 21 A A H61    1 
ATOM 440 H H62    . A A 1 14 ? 1.134   6.717   7.128   1.00 0.00 ? 21 A A H62    1 
ATOM 441 H H2     . A A 1 14 ? 3.207   10.464  4.136   1.00 0.00 ? 21 A A H2     1 
ATOM 442 P P      . G A 1 15 ? -3.368  10.248  -1.918  1.00 0.00 ? 22 G A P      1 
ATOM 443 O OP1    . G A 1 15 ? -4.053  11.550  -2.063  1.00 0.00 ? 22 G A OP1    1 
ATOM 444 O OP2    . G A 1 15 ? -4.132  8.986   -1.902  1.00 0.00 ? 22 G A OP2    1 
ATOM 445 O "O5'"  . G A 1 15 ? -2.231  10.131  -3.069  1.00 0.00 ? 22 G A "O5'"  1 
ATOM 446 C "C5'"  . G A 1 15 ? -1.109  11.030  -3.122  1.00 0.00 ? 22 G A "C5'"  1 
ATOM 447 C "C4'"  . G A 1 15 ? 0.217   10.372  -2.707  1.00 0.00 ? 22 G A "C4'"  1 
ATOM 448 O "O4'"  . G A 1 15 ? 0.125   9.732   -1.422  1.00 0.00 ? 22 G A "O4'"  1 
ATOM 449 C "C3'"  . G A 1 15 ? 0.637   9.238   -3.632  1.00 0.00 ? 22 G A "C3'"  1 
ATOM 450 O "O3'"  . G A 1 15 ? 1.081   9.705   -4.912  1.00 0.00 ? 22 G A "O3'"  1 
ATOM 451 C "C2'"  . G A 1 15 ? 1.751   8.681   -2.769  1.00 0.00 ? 22 G A "C2'"  1 
ATOM 452 O "O2'"  . G A 1 15 ? 2.858   9.596   -2.821  1.00 0.00 ? 22 G A "O2'"  1 
ATOM 453 C "C1'"  . G A 1 15 ? 1.109   8.677   -1.389  1.00 0.00 ? 22 G A "C1'"  1 
ATOM 454 N N9     . G A 1 15 ? 0.530   7.335   -1.119  1.00 0.00 ? 22 G A N9     1 
ATOM 455 C C8     . G A 1 15 ? -0.776  6.904   -1.074  1.00 0.00 ? 22 G A C8     1 
ATOM 456 N N7     . G A 1 15 ? -0.903  5.623   -0.817  1.00 0.00 ? 22 G A N7     1 
ATOM 457 C C5     . G A 1 15 ? 0.413   5.178   -0.683  1.00 0.00 ? 22 G A C5     1 
ATOM 458 C C6     . G A 1 15 ? 0.942   3.877   -0.400  1.00 0.00 ? 22 G A C6     1 
ATOM 459 O O6     . G A 1 15 ? 0.375   2.806   -0.198  1.00 0.00 ? 22 G A O6     1 
ATOM 460 N N1     . G A 1 15 ? 2.318   3.901   -0.361  1.00 0.00 ? 22 G A N1     1 
ATOM 461 C C2     . G A 1 15 ? 3.105   5.004   -0.556  1.00 0.00 ? 22 G A C2     1 
ATOM 462 N N2     . G A 1 15 ? 4.411   4.837   -0.458  1.00 0.00 ? 22 G A N2     1 
ATOM 463 N N3     . G A 1 15 ? 2.631   6.210   -0.817  1.00 0.00 ? 22 G A N3     1 
ATOM 464 C C4     . G A 1 15 ? 1.281   6.223   -0.866  1.00 0.00 ? 22 G A C4     1 
ATOM 465 H "H5'"  . G A 1 15 ? -1.284  11.874  -2.454  1.00 0.00 ? 22 G A "H5'"  1 
ATOM 466 H "H5''" . G A 1 15 ? -1.004  11.414  -4.137  1.00 0.00 ? 22 G A "H5''" 1 
ATOM 467 H "H4'"  . G A 1 15 ? 1.010   11.120  -2.693  1.00 0.00 ? 22 G A "H4'"  1 
ATOM 468 H "H3'"  . G A 1 15 ? -0.162  8.500   -3.718  1.00 0.00 ? 22 G A "H3'"  1 
ATOM 469 H "H2'"  . G A 1 15 ? 2.120   7.701   -3.055  1.00 0.00 ? 22 G A "H2'"  1 
ATOM 470 H "HO2'" . G A 1 15 ? 3.081   9.601   -3.748  1.00 0.00 ? 22 G A "HO2'" 1 
ATOM 471 H "H1'"  . G A 1 15 ? 1.876   8.905   -0.652  1.00 0.00 ? 22 G A "H1'"  1 
ATOM 472 H H8     . G A 1 15 ? -1.625  7.566   -1.239  1.00 0.00 ? 22 G A H8     1 
ATOM 473 H H1     . G A 1 15 ? 2.737   3.000   -0.180  1.00 0.00 ? 22 G A H1     1 
ATOM 474 H H21    . G A 1 15 ? 4.797   3.902   -0.364  1.00 0.00 ? 22 G A H21    1 
ATOM 475 H H22    . G A 1 15 ? 4.999   5.656   -0.476  1.00 0.00 ? 22 G A H22    1 
ATOM 476 P P      . G A 1 16 ? 1.275   8.756   -6.198  1.00 0.00 ? 23 G A P      1 
ATOM 477 O OP1    . G A 1 16 ? 1.614   9.629   -7.344  1.00 0.00 ? 23 G A OP1    1 
ATOM 478 O OP2    . G A 1 16 ? 0.117   7.838   -6.311  1.00 0.00 ? 23 G A OP2    1 
ATOM 479 O "O5'"  . G A 1 16 ? 2.586   7.912   -5.855  1.00 0.00 ? 23 G A "O5'"  1 
ATOM 480 C "C5'"  . G A 1 16 ? 3.887   8.497   -5.722  1.00 0.00 ? 23 G A "C5'"  1 
ATOM 481 C "C4'"  . G A 1 16 ? 4.844   7.494   -5.116  1.00 0.00 ? 23 G A "C4'"  1 
ATOM 482 O "O4'"  . G A 1 16 ? 4.359   6.955   -3.872  1.00 0.00 ? 23 G A "O4'"  1 
ATOM 483 C "C3'"  . G A 1 16 ? 5.029   6.311   -6.052  1.00 0.00 ? 23 G A "C3'"  1 
ATOM 484 O "O3'"  . G A 1 16 ? 5.941   6.669   -7.102  1.00 0.00 ? 23 G A "O3'"  1 
ATOM 485 C "C2'"  . G A 1 16 ? 5.542   5.299   -5.059  1.00 0.00 ? 23 G A "C2'"  1 
ATOM 486 O "O2'"  . G A 1 16 ? 6.943   5.566   -4.937  1.00 0.00 ? 23 G A "O2'"  1 
ATOM 487 C "C1'"  . G A 1 16 ? 4.761   5.581   -3.792  1.00 0.00 ? 23 G A "C1'"  1 
ATOM 488 N N9     . G A 1 16 ? 3.593   4.669   -3.667  1.00 0.00 ? 23 G A N9     1 
ATOM 489 C C8     . G A 1 16 ? 2.245   4.928   -3.691  1.00 0.00 ? 23 G A C8     1 
ATOM 490 N N7     . G A 1 16 ? 1.502   3.865   -3.504  1.00 0.00 ? 23 G A N7     1 
ATOM 491 C C5     . G A 1 16 ? 2.423   2.830   -3.346  1.00 0.00 ? 23 G A C5     1 
ATOM 492 C C6     . G A 1 16 ? 2.236   1.432   -3.110  1.00 0.00 ? 23 G A C6     1 
ATOM 493 O O6     . G A 1 16 ? 1.213   0.761   -2.972  1.00 0.00 ? 23 G A O6     1 
ATOM 494 N N1     . G A 1 16 ? 3.438   0.772   -3.021  1.00 0.00 ? 23 G A N1     1 
ATOM 495 C C2     . G A 1 16 ? 4.679   1.348   -3.138  1.00 0.00 ? 23 G A C2     1 
ATOM 496 N N2     . G A 1 16 ? 5.728   0.544   -3.038  1.00 0.00 ? 23 G A N2     1 
ATOM 497 N N3     . G A 1 16 ? 4.862   2.648   -3.356  1.00 0.00 ? 23 G A N3     1 
ATOM 498 C C4     . G A 1 16 ? 3.697   3.324   -3.448  1.00 0.00 ? 23 G A C4     1 
ATOM 499 H "H5'"  . G A 1 16 ? 3.858   9.392   -5.106  1.00 0.00 ? 23 G A "H5'"  1 
ATOM 500 H "H5''" . G A 1 16 ? 4.260   8.775   -6.708  1.00 0.00 ? 23 G A "H5''" 1 
ATOM 501 H "H4'"  . G A 1 16 ? 5.819   7.961   -4.962  1.00 0.00 ? 23 G A "H4'"  1 
ATOM 502 H "H3'"  . G A 1 16 ? 4.066   5.963   -6.429  1.00 0.00 ? 23 G A "H3'"  1 
ATOM 503 H "H2'"  . G A 1 16 ? 5.409   4.266   -5.351  1.00 0.00 ? 23 G A "H2'"  1 
ATOM 504 H "HO2'" . G A 1 16 ? 7.239   5.328   -5.819  1.00 0.00 ? 23 G A "HO2'" 1 
ATOM 505 H "H1'"  . G A 1 16 ? 5.428   5.435   -2.943  1.00 0.00 ? 23 G A "H1'"  1 
ATOM 506 H H8     . G A 1 16 ? 1.826   5.919   -3.857  1.00 0.00 ? 23 G A H8     1 
ATOM 507 H H1     . G A 1 16 ? 3.322   -0.213  -2.849  1.00 0.00 ? 23 G A H1     1 
ATOM 508 H H21    . G A 1 16 ? 5.574   -0.444  -2.875  1.00 0.00 ? 23 G A H21    1 
ATOM 509 H H22    . G A 1 16 ? 6.657   0.928   -3.134  1.00 0.00 ? 23 G A H22    1 
ATOM 510 P P      . U A 1 17 ? 6.387   5.720   -8.323  1.00 0.00 ? 24 U A P      1 
ATOM 511 O OP1    . U A 1 17 ? 7.484   6.394   -9.041  1.00 0.00 ? 24 U A OP1    1 
ATOM 512 O OP2    . U A 1 17 ? 5.176   5.302   -9.063  1.00 0.00 ? 24 U A OP2    1 
ATOM 513 O "O5'"  . U A 1 17 ? 7.012   4.433   -7.571  1.00 0.00 ? 24 U A "O5'"  1 
ATOM 514 C "C5'"  . U A 1 17 ? 8.410   4.221   -7.304  1.00 0.00 ? 24 U A "C5'"  1 
ATOM 515 C "C4'"  . U A 1 17 ? 8.674   2.749   -7.010  1.00 0.00 ? 24 U A "C4'"  1 
ATOM 516 O "O4'"  . U A 1 17 ? 7.942   2.275   -5.858  1.00 0.00 ? 24 U A "O4'"  1 
ATOM 517 C "C3'"  . U A 1 17 ? 8.229   1.881   -8.186  1.00 0.00 ? 24 U A "C3'"  1 
ATOM 518 O "O3'"  . U A 1 17 ? 9.201   1.891   -9.246  1.00 0.00 ? 24 U A "O3'"  1 
ATOM 519 C "C2'"  . U A 1 17 ? 8.079   0.558   -7.476  1.00 0.00 ? 24 U A "C2'"  1 
ATOM 520 O "O2'"  . U A 1 17 ? 9.363   -0.039  -7.228  1.00 0.00 ? 24 U A "O2'"  1 
ATOM 521 C "C1'"  . U A 1 17 ? 7.462   0.954   -6.155  1.00 0.00 ? 24 U A "C1'"  1 
ATOM 522 N N1     . U A 1 17 ? 5.975   0.929   -6.204  1.00 0.00 ? 24 U A N1     1 
ATOM 523 C C2     . U A 1 17 ? 5.347   -0.259  -5.890  1.00 0.00 ? 24 U A C2     1 
ATOM 524 O O2     . U A 1 17 ? 5.942   -1.291  -5.612  1.00 0.00 ? 24 U A O2     1 
ATOM 525 N N3     . U A 1 17 ? 3.977   -0.251  -5.908  1.00 0.00 ? 24 U A N3     1 
ATOM 526 C C4     . U A 1 17 ? 3.172   0.817   -6.207  1.00 0.00 ? 24 U A C4     1 
ATOM 527 O O4     . U A 1 17 ? 1.956   0.659   -6.163  1.00 0.00 ? 24 U A O4     1 
ATOM 528 C C5     . U A 1 17 ? 3.893   2.024   -6.530  1.00 0.00 ? 24 U A C5     1 
ATOM 529 C C6     . U A 1 17 ? 5.244   2.042   -6.518  1.00 0.00 ? 24 U A C6     1 
ATOM 530 H "H5'"  . U A 1 17 ? 8.738   4.811   -6.449  1.00 0.00 ? 24 U A "H5'"  1 
ATOM 531 H "H5''" . U A 1 17 ? 8.995   4.509   -8.180  1.00 0.00 ? 24 U A "H5''" 1 
ATOM 532 H "H4'"  . U A 1 17 ? 9.740   2.577   -6.863  1.00 0.00 ? 24 U A "H4'"  1 
ATOM 533 H "H3'"  . U A 1 17 ? 7.242   2.191   -8.534  1.00 0.00 ? 24 U A "H3'"  1 
ATOM 534 H "H2'"  . U A 1 17 ? 7.445   -0.161  -7.977  1.00 0.00 ? 24 U A "H2'"  1 
ATOM 535 H "HO2'" . U A 1 17 ? 9.278   -0.910  -7.638  1.00 0.00 ? 24 U A "HO2'" 1 
ATOM 536 H "H1'"  . U A 1 17 ? 7.820   0.260   -5.396  1.00 0.00 ? 24 U A "H1'"  1 
ATOM 537 H H3     . U A 1 17 ? 3.510   -1.126  -5.680  1.00 0.00 ? 24 U A H3     1 
ATOM 538 H H5     . U A 1 17 ? 3.346   2.931   -6.784  1.00 0.00 ? 24 U A H5     1 
ATOM 539 H H6     . U A 1 17 ? 5.763   2.968   -6.772  1.00 0.00 ? 24 U A H6     1 
ATOM 540 P P      . A A 1 18 ? 8.967   1.253   -10.716 1.00 0.00 ? 25 A A P      1 
ATOM 541 O OP1    . A A 1 18 ? 10.188  1.490   -11.519 1.00 0.00 ? 25 A A OP1    1 
ATOM 542 O OP2    . A A 1 18 ? 7.658   1.728   -11.218 1.00 0.00 ? 25 A A OP2    1 
ATOM 543 O "O5'"  . A A 1 18 ? 8.871   -0.329  -10.374 1.00 0.00 ? 25 A A "O5'"  1 
ATOM 544 C "C5'"  . A A 1 18 ? 10.040  -1.051  -9.935  1.00 0.00 ? 25 A A "C5'"  1 
ATOM 545 C "C4'"  . A A 1 18 ? 9.744   -2.480  -9.468  1.00 0.00 ? 25 A A "C4'"  1 
ATOM 546 O "O4'"  . A A 1 18 ? 8.814   -2.468  -8.363  1.00 0.00 ? 25 A A "O4'"  1 
ATOM 547 C "C3'"  . A A 1 18 ? 9.138   -3.349  -10.586 1.00 0.00 ? 25 A A "C3'"  1 
ATOM 548 O "O3'"  . A A 1 18 ? 10.127  -3.995  -11.420 1.00 0.00 ? 25 A A "O3'"  1 
ATOM 549 C "C2'"  . A A 1 18 ? 8.374   -4.349  -9.732  1.00 0.00 ? 25 A A "C2'"  1 
ATOM 550 O "O2'"  . A A 1 18 ? 9.334   -5.288  -9.231  1.00 0.00 ? 25 A A "O2'"  1 
ATOM 551 C "C1'"  . A A 1 18 ? 7.814   -3.474  -8.620  1.00 0.00 ? 25 A A "C1'"  1 
ATOM 552 N N9     . A A 1 18 ? 6.541   -2.824  -8.985  1.00 0.00 ? 25 A A N9     1 
ATOM 553 C C8     . A A 1 18 ? 6.346   -1.588  -9.546  1.00 0.00 ? 25 A A C8     1 
ATOM 554 N N7     . A A 1 18 ? 5.097   -1.276  -9.722  1.00 0.00 ? 25 A A N7     1 
ATOM 555 C C5     . A A 1 18 ? 4.414   -2.391  -9.243  1.00 0.00 ? 25 A A C5     1 
ATOM 556 C C6     . A A 1 18 ? 3.057   -2.691  -9.150  1.00 0.00 ? 25 A A C6     1 
ATOM 557 N N6     . A A 1 18 ? 2.115   -1.851  -9.549  1.00 0.00 ? 25 A A N6     1 
ATOM 558 N N1     . A A 1 18 ? 2.710   -3.877  -8.630  1.00 0.00 ? 25 A A N1     1 
ATOM 559 C C2     . A A 1 18 ? 3.658   -4.717  -8.226  1.00 0.00 ? 25 A A C2     1 
ATOM 560 N N3     . A A 1 18 ? 4.971   -4.548  -8.263  1.00 0.00 ? 25 A A N3     1 
ATOM 561 C C4     . A A 1 18 ? 5.285   -3.341  -8.793  1.00 0.00 ? 25 A A C4     1 
ATOM 562 H "H5'"  . A A 1 18 ? 10.496  -0.513  -9.102  1.00 0.00 ? 25 A A "H5'"  1 
ATOM 563 H "H5''" . A A 1 18 ? 10.759  -1.096  -10.754 1.00 0.00 ? 25 A A "H5''" 1 
ATOM 564 H "H4'"  . A A 1 18 ? 10.674  -2.945  -9.141  1.00 0.00 ? 25 A A "H4'"  1 
ATOM 565 H "H3'"  . A A 1 18 ? 8.427   -2.756  -11.164 1.00 0.00 ? 25 A A "H3'"  1 
ATOM 566 H "H2'"  . A A 1 18 ? 7.578   -4.892  -10.239 1.00 0.00 ? 25 A A "H2'"  1 
ATOM 567 H "HO2'" . A A 1 18 ? 10.002  -5.270  -9.921  1.00 0.00 ? 25 A A "HO2'" 1 
ATOM 568 H "H1'"  . A A 1 18 ? 7.668   -4.081  -7.727  1.00 0.00 ? 25 A A "H1'"  1 
ATOM 569 H H8     . A A 1 18 ? 7.165   -0.918  -9.819  1.00 0.00 ? 25 A A H8     1 
ATOM 570 H H61    . A A 1 18 ? 1.138   -2.078  -9.409  1.00 0.00 ? 25 A A H61    1 
ATOM 571 H H62    . A A 1 18 ? 2.386   -0.983  -9.990  1.00 0.00 ? 25 A A H62    1 
ATOM 572 H H2     . A A 1 18 ? 3.316   -5.668  -7.814  1.00 0.00 ? 25 A A H2     1 
ATOM 573 P P      . A A 1 19 ? 9.828   -4.573  -12.907 1.00 0.00 ? 26 A A P      1 
ATOM 574 O OP1    . A A 1 19 ? 11.068  -5.204  -13.405 1.00 0.00 ? 26 A A OP1    1 
ATOM 575 O OP2    . A A 1 19 ? 9.183   -3.498  -13.691 1.00 0.00 ? 26 A A OP2    1 
ATOM 576 O "O5'"  . A A 1 19 ? 8.741   -5.741  -12.659 1.00 0.00 ? 26 A A "O5'"  1 
ATOM 577 C "C5'"  . A A 1 19 ? 8.995   -6.935  -11.902 1.00 0.00 ? 26 A A "C5'"  1 
ATOM 578 C "C4'"  . A A 1 19 ? 7.689   -7.580  -11.442 1.00 0.00 ? 26 A A "C4'"  1 
ATOM 579 O "O4'"  . A A 1 19 ? 6.904   -6.704  -10.618 1.00 0.00 ? 26 A A "O4'"  1 
ATOM 580 C "C3'"  . A A 1 19 ? 6.783   -7.917  -12.614 1.00 0.00 ? 26 A A "C3'"  1 
ATOM 581 O "O3'"  . A A 1 19 ? 7.223   -9.142  -13.237 1.00 0.00 ? 26 A A "O3'"  1 
ATOM 582 C "C2'"  . A A 1 19 ? 5.485   -8.145  -11.871 1.00 0.00 ? 26 A A "C2'"  1 
ATOM 583 O "O2'"  . A A 1 19 ? 5.591   -9.413  -11.207 1.00 0.00 ? 26 A A "O2'"  1 
ATOM 584 C "C1'"  . A A 1 19 ? 5.514   -6.980  -10.864 1.00 0.00 ? 26 A A "C1'"  1 
ATOM 585 N N9     . A A 1 19 ? 4.821   -5.774  -11.386 1.00 0.00 ? 26 A A N9     1 
ATOM 586 C C8     . A A 1 19 ? 5.329   -4.615  -11.920 1.00 0.00 ? 26 A A C8     1 
ATOM 587 N N7     . A A 1 19 ? 4.412   -3.754  -12.284 1.00 0.00 ? 26 A A N7     1 
ATOM 588 C C5     . A A 1 19 ? 3.214   -4.389  -11.968 1.00 0.00 ? 26 A A C5     1 
ATOM 589 C C6     . A A 1 19 ? 1.859   -4.022  -12.099 1.00 0.00 ? 26 A A C6     1 
ATOM 590 N N6     . A A 1 19 ? 1.417   -2.871  -12.608 1.00 0.00 ? 26 A A N6     1 
ATOM 591 N N1     . A A 1 19 ? 0.947   -4.906  -11.680 1.00 0.00 ? 26 A A N1     1 
ATOM 592 C C2     . A A 1 19 ? 1.333   -6.069  -11.167 1.00 0.00 ? 26 A A C2     1 
ATOM 593 N N3     . A A 1 19 ? 2.564   -6.519  -10.994 1.00 0.00 ? 26 A A N3     1 
ATOM 594 C C4     . A A 1 19 ? 3.465   -5.616  -11.423 1.00 0.00 ? 26 A A C4     1 
ATOM 595 H "H5'"  . A A 1 19 ? 9.592   -6.707  -11.019 1.00 0.00 ? 26 A A "H5'"  1 
ATOM 596 H "H5''" . A A 1 19 ? 9.545   -7.639  -12.528 1.00 0.00 ? 26 A A "H5''" 1 
ATOM 597 H "H4'"  . A A 1 19 ? 7.909   -8.499  -10.894 1.00 0.00 ? 26 A A "H4'"  1 
ATOM 598 H "H3'"  . A A 1 19 ? 6.678   -7.081  -13.308 1.00 0.00 ? 26 A A "H3'"  1 
ATOM 599 H "HO3'" . A A 1 19 ? 8.120   -8.993  -13.553 1.00 0.00 ? 26 A A "HO3'" 1 
ATOM 600 H "H2'"  . A A 1 19 ? 4.593   -8.129  -12.497 1.00 0.00 ? 26 A A "H2'"  1 
ATOM 601 H "HO2'" . A A 1 19 ? 6.173   -9.903  -11.795 1.00 0.00 ? 26 A A "HO2'" 1 
ATOM 602 H "H1'"  . A A 1 19 ? 5.044   -7.304  -9.935  1.00 0.00 ? 26 A A "H1'"  1 
ATOM 603 H H8     . A A 1 19 ? 6.395   -4.435  -12.038 1.00 0.00 ? 26 A A H8     1 
ATOM 604 H H61    . A A 1 19 ? 0.420   -2.685  -12.669 1.00 0.00 ? 26 A A H61    1 
ATOM 605 H H62    . A A 1 19 ? 2.081   -2.185  -12.935 1.00 0.00 ? 26 A A H62    1 
ATOM 606 H H2     . A A 1 19 ? 0.535   -6.740  -10.849 1.00 0.00 ? 26 A A H2     1 
# 
